data_5Y1S
#
_entry.id   5Y1S
#
_cell.length_a   74.699
_cell.length_b   109.405
_cell.length_c   112.991
_cell.angle_alpha   90.000
_cell.angle_beta   90.000
_cell.angle_gamma   90.000
#
_symmetry.space_group_name_H-M   'P 21 21 21'
#
loop_
_entity.id
_entity.type
_entity.pdbx_description
1 polymer 'M1 family aminopeptidase'
2 non-polymer 'ZINC ION'
3 non-polymer 'MAGNESIUM ION'
4 non-polymer (2S)-2-[(3,4-dimethylphenyl)methylcarbamoylamino]-4-methyl-N-oxidanyl-pentanamide
5 non-polymer (2R)-2-[(3,4-dimethylphenyl)methylcarbamoylamino]-4-methyl-N-oxidanyl-pentanamide
6 non-polymer GLYCEROL
7 water water
#
_entity_poly.entity_id   1
_entity_poly.type   'polypeptide(L)'
_entity_poly.pdbx_seq_one_letter_code
;MGSSHHHHHHSSGLVPRGSHMASEPKIHYRKDYKPSGFIINNVTLNINIHDNETIVRSVLDMDISKHNVGEDLVFDGVGL
KINEISINNKKLVEGEEYTYDNEFLTIFSKFVPKSKFAFSSEVIIHPETNYALTGLYKSKNIIVSQCEATGFRRITFFID
RPDMMAKYDVTVTADKEKYPVLLSNGDKVNEFEIPGGRHGARFNDPHLKPCYLFAVVAGDLKHLSATYITKYTKKKVELY
VFSEEKYVSKLQWALECLKKSMAFDEDYFGLEYDLSRLNLVAVSDFNVGAMENKGLNIFNANSLLASKKNSIDFSYARIL
TVVGHEYFHNYTGNRVTLRDWFQLTLKEGLTVHRENLFSEEMTKTVTTRLSHVDLLRSVQFLEDSSPLSHPIRPESYVSM
ENFYTTTVYDKGSEVMRMYLTILGEEYYKKGFDIYIKKNDGNTATCEDFNYAMEQAYKMKKADNSANLNQYLLWFSQSGT
PHVSFKYNYDAEKKQYSIHVNQYTKPDENQKEKKPLFIPISVGLINPENGKEMISQTTLELTKESDTFVFNNIAVKPIPS
LFRGFSAPVYIEDNLTDEERILLLKYDSDAFVRYNSCTNIYMKQILMNYNEFLKAKNEKLESFNLTPVNAQFIDAIKYLL
EDPHADAGFKSYIVSLPQDRYIINFVSNLDTDVLADTKEYIYKQIGDKLNDVYYKMFKSLEAKADDLTYFNDESHVDFDQ
MNMRTLRNTLLSLLSKAQYPNILNEIIEHSKSPYPSNWLTSLSVSAYFDKYFELYDKTYKLSKDDELLLQEWLKTVSRSD
RKDIYEILKKLENEVLKDSKNPNDIRAVYLPFTNNLRRFHDISGKGYKLIAEVITKTDKFNPMVATQLCEPFKLWNKLDT
KRQELMLNEMNTMLQEPNISNNLKEYLLRLTNKL
;
_entity_poly.pdbx_strand_id   A
#
loop_
_chem_comp.id
_chem_comp.type
_chem_comp.name
_chem_comp.formula
E8F non-polymer (2S)-2-[(3,4-dimethylphenyl)methylcarbamoylamino]-4-methyl-N-oxidanyl-pentanamide 'C16 H25 N3 O3'
E8R non-polymer (2R)-2-[(3,4-dimethylphenyl)methylcarbamoylamino]-4-methyl-N-oxidanyl-pentanamide 'C16 H25 N3 O3'
GOL non-polymer GLYCEROL 'C3 H8 O3'
MG non-polymer 'MAGNESIUM ION' 'Mg 2'
ZN non-polymer 'ZINC ION' 'Zn 2'
#
# COMPACT_ATOMS: atom_id res chain seq x y z
N PRO A 25 22.83 11.24 -15.02
CA PRO A 25 22.79 10.23 -13.94
C PRO A 25 22.93 8.78 -14.45
N LYS A 26 23.27 7.89 -13.51
CA LYS A 26 23.33 6.45 -13.77
C LYS A 26 21.90 5.86 -13.82
N ILE A 27 21.50 5.52 -15.03
CA ILE A 27 20.20 4.89 -15.31
C ILE A 27 20.33 3.42 -15.65
N HIS A 28 19.57 2.60 -14.91
CA HIS A 28 19.51 1.15 -15.17
C HIS A 28 18.32 0.84 -16.09
N TYR A 29 18.52 0.00 -17.11
CA TYR A 29 17.52 -0.31 -18.14
C TYR A 29 17.18 -1.76 -18.10
N ARG A 30 15.86 -2.07 -18.17
CA ARG A 30 15.39 -3.42 -18.09
C ARG A 30 15.99 -4.32 -19.15
N LYS A 31 16.13 -3.78 -20.35
CA LYS A 31 16.61 -4.56 -21.48
C LYS A 31 18.07 -5.02 -21.33
N ASP A 32 18.81 -4.34 -20.45
CA ASP A 32 20.26 -4.54 -20.32
C ASP A 32 20.55 -5.64 -19.27
N TYR A 33 19.54 -6.27 -18.66
CA TYR A 33 19.85 -7.37 -17.74
C TYR A 33 20.83 -8.44 -18.29
N LYS A 34 21.84 -8.76 -17.50
CA LYS A 34 22.80 -9.80 -17.79
C LYS A 34 23.20 -10.53 -16.49
N PRO A 35 23.37 -11.86 -16.55
CA PRO A 35 23.76 -12.58 -15.33
C PRO A 35 25.17 -12.19 -14.95
N SER A 36 25.46 -12.27 -13.66
CA SER A 36 26.81 -11.96 -13.19
C SER A 36 27.85 -12.93 -13.63
N GLY A 37 29.05 -12.41 -13.69
CA GLY A 37 30.27 -13.18 -13.90
C GLY A 37 30.74 -13.97 -12.70
N PHE A 38 30.07 -13.76 -11.54
CA PHE A 38 30.44 -14.30 -10.25
C PHE A 38 29.25 -14.99 -9.63
N ILE A 39 29.56 -15.90 -8.72
CA ILE A 39 28.57 -16.60 -7.91
C ILE A 39 29.01 -16.48 -6.46
N ILE A 40 28.06 -16.19 -5.55
CA ILE A 40 28.32 -16.21 -4.15
C ILE A 40 27.47 -17.39 -3.61
N ASN A 41 28.10 -18.42 -3.10
CA ASN A 41 27.38 -19.63 -2.60
C ASN A 41 27.06 -19.59 -1.12
N ASN A 42 28.00 -19.06 -0.31
CA ASN A 42 27.82 -19.01 1.14
C ASN A 42 28.31 -17.71 1.67
N VAL A 43 27.56 -17.22 2.66
CA VAL A 43 27.89 -16.04 3.39
C VAL A 43 28.03 -16.37 4.85
N THR A 44 29.14 -16.03 5.47
CA THR A 44 29.37 -16.34 6.87
C THR A 44 29.67 -14.99 7.56
N LEU A 45 28.77 -14.56 8.41
CA LEU A 45 28.83 -13.22 9.02
C LEU A 45 29.04 -13.30 10.49
N ASN A 46 29.84 -12.35 11.00
CA ASN A 46 29.96 -12.11 12.43
C ASN A 46 29.67 -10.64 12.62
N ILE A 47 28.60 -10.29 13.35
CA ILE A 47 28.16 -8.94 13.57
C ILE A 47 28.32 -8.69 15.08
N ASN A 48 29.26 -7.83 15.40
CA ASN A 48 29.65 -7.60 16.82
C ASN A 48 29.24 -6.18 17.16
N ILE A 49 28.15 -6.10 17.92
CA ILE A 49 27.54 -4.78 18.30
C ILE A 49 28.18 -4.24 19.54
N HIS A 50 28.69 -3.00 19.44
CA HIS A 50 29.18 -2.29 20.63
C HIS A 50 28.44 -0.91 20.71
N ASP A 51 28.68 -0.13 21.79
CA ASP A 51 27.95 1.11 21.98
C ASP A 51 28.16 2.13 20.87
N ASN A 52 29.42 2.26 20.45
CA ASN A 52 29.73 3.27 19.48
C ASN A 52 30.27 2.75 18.18
N GLU A 53 30.13 1.45 17.90
CA GLU A 53 30.41 0.92 16.57
C GLU A 53 29.90 -0.49 16.55
N THR A 54 29.61 -0.94 15.34
CA THR A 54 29.36 -2.35 15.08
C THR A 54 30.41 -2.82 14.05
N ILE A 55 31.07 -3.93 14.36
CA ILE A 55 32.07 -4.52 13.47
C ILE A 55 31.40 -5.69 12.74
N VAL A 56 31.56 -5.72 11.45
CA VAL A 56 30.98 -6.75 10.61
C VAL A 56 32.10 -7.48 9.86
N ARG A 57 32.28 -8.76 10.22
CA ARG A 57 33.24 -9.61 9.53
C ARG A 57 32.46 -10.54 8.64
N SER A 58 32.89 -10.66 7.40
CA SER A 58 32.13 -11.42 6.44
C SER A 58 33.02 -12.24 5.52
N VAL A 59 32.75 -13.54 5.44
CA VAL A 59 33.42 -14.42 4.49
C VAL A 59 32.40 -14.81 3.38
N LEU A 60 32.74 -14.48 2.13
CA LEU A 60 31.93 -14.93 1.02
C LEU A 60 32.65 -16.07 0.27
N ASP A 61 32.00 -17.25 0.22
CA ASP A 61 32.49 -18.37 -0.54
C ASP A 61 31.97 -18.17 -1.97
N MET A 62 32.88 -17.84 -2.88
CA MET A 62 32.52 -17.37 -4.21
C MET A 62 33.08 -18.24 -5.28
N ASP A 63 32.65 -18.00 -6.50
CA ASP A 63 33.15 -18.78 -7.68
C ASP A 63 32.88 -17.90 -8.89
N ILE A 64 33.44 -18.34 -10.00
CA ILE A 64 33.31 -17.75 -11.31
C ILE A 64 32.16 -18.47 -12.00
N SER A 65 31.24 -17.72 -12.62
CA SER A 65 30.15 -18.31 -13.39
C SER A 65 30.56 -18.56 -14.84
N LYS A 66 29.66 -19.23 -15.55
CA LYS A 66 29.89 -19.50 -16.99
C LYS A 66 29.82 -18.25 -17.84
N HIS A 67 29.39 -17.13 -17.28
CA HIS A 67 29.31 -15.85 -17.96
C HIS A 67 30.53 -14.99 -17.82
N ASN A 68 31.45 -15.44 -16.95
CA ASN A 68 32.62 -14.63 -16.66
C ASN A 68 33.52 -14.46 -17.90
N VAL A 69 34.02 -13.26 -18.06
CA VAL A 69 34.97 -12.84 -19.13
C VAL A 69 36.25 -12.21 -18.58
N GLY A 70 36.64 -12.62 -17.37
CA GLY A 70 37.80 -12.06 -16.68
C GLY A 70 37.73 -10.63 -16.25
N GLU A 71 36.54 -10.15 -15.95
CA GLU A 71 36.33 -8.78 -15.48
C GLU A 71 36.81 -8.59 -14.04
N ASP A 72 37.02 -7.35 -13.68
CA ASP A 72 37.16 -6.92 -12.30
C ASP A 72 35.97 -7.41 -11.46
N LEU A 73 36.25 -7.66 -10.21
CA LEU A 73 35.23 -8.08 -9.25
C LEU A 73 34.79 -6.81 -8.56
N VAL A 74 33.50 -6.43 -8.70
CA VAL A 74 33.06 -5.15 -8.14
C VAL A 74 31.89 -5.46 -7.20
N PHE A 75 32.10 -5.03 -5.98
CA PHE A 75 31.11 -5.17 -4.90
C PHE A 75 30.48 -3.81 -4.61
N ASP A 76 29.17 -3.85 -4.34
CA ASP A 76 28.53 -2.73 -3.69
C ASP A 76 28.90 -2.65 -2.22
N GLY A 77 29.13 -1.44 -1.73
CA GLY A 77 29.39 -1.24 -0.36
C GLY A 77 29.35 0.25 -0.07
N VAL A 78 28.36 0.70 0.67
CA VAL A 78 28.08 2.10 0.85
C VAL A 78 28.29 2.54 2.29
N GLY A 79 29.18 3.51 2.44
CA GLY A 79 29.47 4.06 3.75
C GLY A 79 30.19 3.15 4.72
N LEU A 80 30.93 2.17 4.20
CA LEU A 80 31.63 1.22 5.04
C LEU A 80 33.04 1.69 5.37
N LYS A 81 33.49 1.48 6.58
CA LYS A 81 34.91 1.76 6.94
C LYS A 81 35.67 0.45 6.93
N ILE A 82 36.64 0.33 6.04
CA ILE A 82 37.34 -0.90 5.89
C ILE A 82 38.42 -1.11 6.90
N ASN A 83 38.38 -2.23 7.59
CA ASN A 83 39.47 -2.69 8.47
C ASN A 83 40.39 -3.61 7.70
N GLU A 84 39.86 -4.54 6.89
CA GLU A 84 40.67 -5.42 6.17
C GLU A 84 39.89 -6.09 5.00
N ILE A 85 40.64 -6.42 3.94
CA ILE A 85 40.15 -7.07 2.79
C ILE A 85 41.16 -8.18 2.48
N SER A 86 40.67 -9.40 2.20
CA SER A 86 41.54 -10.43 1.67
C SER A 86 40.83 -11.40 0.76
N ILE A 87 41.60 -12.05 -0.12
CA ILE A 87 41.14 -13.17 -0.95
C ILE A 87 42.06 -14.38 -0.67
N ASN A 88 41.49 -15.50 -0.32
CA ASN A 88 42.28 -16.75 0.00
C ASN A 88 43.45 -16.47 0.97
N ASN A 89 43.15 -15.63 1.95
CA ASN A 89 44.02 -15.23 3.04
C ASN A 89 45.16 -14.39 2.59
N LYS A 90 45.06 -13.83 1.41
CA LYS A 90 46.05 -12.81 0.92
C LYS A 90 45.48 -11.41 1.15
N LYS A 91 46.11 -10.64 2.03
CA LYS A 91 45.65 -9.27 2.28
C LYS A 91 45.73 -8.47 0.97
N LEU A 92 44.68 -7.70 0.63
CA LEU A 92 44.63 -6.79 -0.51
C LEU A 92 44.75 -5.37 -0.01
N VAL A 93 45.50 -4.57 -0.76
CA VAL A 93 45.81 -3.22 -0.36
C VAL A 93 45.23 -2.14 -1.28
N GLU A 94 44.71 -1.04 -0.66
CA GLU A 94 44.07 0.04 -1.40
C GLU A 94 45.07 0.64 -2.39
N GLY A 95 44.68 0.82 -3.65
CA GLY A 95 45.59 1.47 -4.62
C GLY A 95 46.43 0.44 -5.32
N GLU A 96 46.51 -0.78 -4.82
CA GLU A 96 47.36 -1.76 -5.39
C GLU A 96 46.59 -2.92 -5.94
N GLU A 97 45.73 -3.51 -5.12
CA GLU A 97 44.86 -4.59 -5.57
C GLU A 97 43.37 -4.18 -5.63
N TYR A 98 43.01 -3.09 -5.00
CA TYR A 98 41.61 -2.67 -4.98
C TYR A 98 41.49 -1.18 -4.92
N THR A 99 40.32 -0.70 -5.32
CA THR A 99 39.88 0.66 -5.00
C THR A 99 38.52 0.67 -4.31
N TYR A 100 38.34 1.65 -3.46
CA TYR A 100 37.04 1.90 -2.78
C TYR A 100 36.73 3.40 -2.72
N ASP A 101 35.55 3.75 -3.21
CA ASP A 101 35.09 5.15 -3.35
C ASP A 101 33.87 5.49 -2.47
N ASN A 102 33.62 4.65 -1.46
CA ASN A 102 32.47 4.74 -0.58
C ASN A 102 31.14 4.25 -1.13
N GLU A 103 31.16 3.73 -2.34
CA GLU A 103 30.03 3.09 -3.04
C GLU A 103 30.30 1.71 -3.64
N PHE A 104 31.44 1.57 -4.30
CA PHE A 104 31.87 0.38 -5.00
C PHE A 104 33.32 0.04 -4.60
N LEU A 105 33.51 -1.24 -4.26
CA LEU A 105 34.80 -1.88 -4.03
C LEU A 105 35.16 -2.63 -5.27
N THR A 106 36.27 -2.19 -5.90
CA THR A 106 36.72 -2.86 -7.13
C THR A 106 37.98 -3.64 -6.82
N ILE A 107 37.94 -4.94 -7.07
CA ILE A 107 39.14 -5.81 -6.94
C ILE A 107 39.61 -5.97 -8.37
N PHE A 108 40.86 -5.51 -8.67
CA PHE A 108 41.36 -5.67 -10.03
C PHE A 108 41.51 -7.10 -10.47
N SER A 109 41.13 -7.33 -11.76
CA SER A 109 41.02 -8.67 -12.30
C SER A 109 42.23 -9.62 -12.08
N LYS A 110 43.46 -9.13 -12.17
CA LYS A 110 44.60 -10.01 -11.86
C LYS A 110 44.61 -10.69 -10.52
N PHE A 111 43.90 -10.09 -9.55
CA PHE A 111 43.80 -10.65 -8.26
C PHE A 111 42.50 -11.35 -7.96
N VAL A 112 41.67 -11.54 -8.95
CA VAL A 112 40.43 -12.31 -8.83
C VAL A 112 40.76 -13.73 -9.28
N PRO A 113 40.68 -14.66 -8.37
CA PRO A 113 40.90 -16.07 -8.71
C PRO A 113 40.06 -16.58 -9.82
N LYS A 114 40.54 -17.61 -10.47
CA LYS A 114 39.80 -18.24 -11.58
C LYS A 114 38.96 -19.46 -11.25
N SER A 115 38.89 -19.85 -9.99
CA SER A 115 37.95 -20.85 -9.58
C SER A 115 37.56 -20.54 -8.13
N LYS A 116 36.85 -21.45 -7.48
CA LYS A 116 36.33 -21.19 -6.15
C LYS A 116 37.32 -20.43 -5.28
N PHE A 117 36.89 -19.35 -4.59
CA PHE A 117 37.74 -18.58 -3.71
C PHE A 117 36.95 -18.05 -2.53
N ALA A 118 37.66 -17.64 -1.47
CA ALA A 118 37.04 -17.03 -0.27
C ALA A 118 37.40 -15.58 -0.27
N PHE A 119 36.39 -14.72 -0.18
CA PHE A 119 36.61 -13.28 -0.01
C PHE A 119 36.26 -12.87 1.41
N SER A 120 37.17 -12.22 2.10
CA SER A 120 36.99 -11.82 3.47
C SER A 120 37.05 -10.30 3.55
N SER A 121 36.08 -9.71 4.26
CA SER A 121 36.19 -8.32 4.65
C SER A 121 35.79 -8.13 6.09
N GLU A 122 36.34 -7.07 6.69
CA GLU A 122 35.86 -6.61 7.97
C GLU A 122 35.65 -5.13 7.84
N VAL A 123 34.47 -4.65 8.26
CA VAL A 123 34.15 -3.22 8.19
C VAL A 123 33.53 -2.78 9.49
N ILE A 124 33.53 -1.47 9.67
CA ILE A 124 32.87 -0.83 10.80
C ILE A 124 31.70 0.06 10.25
N ILE A 125 30.57 -0.08 10.93
CA ILE A 125 29.32 0.67 10.69
C ILE A 125 28.82 1.17 12.06
N HIS A 126 27.81 2.08 11.96
CA HIS A 126 27.33 2.81 13.14
C HIS A 126 25.83 2.92 13.17
N PRO A 127 25.16 1.83 13.59
CA PRO A 127 23.70 1.86 13.61
C PRO A 127 23.13 2.95 14.47
N GLU A 128 23.90 3.36 15.46
CA GLU A 128 23.40 4.39 16.42
C GLU A 128 23.26 5.76 15.77
N THR A 129 23.86 6.01 14.60
CA THR A 129 23.71 7.26 13.91
C THR A 129 23.03 7.12 12.57
N ASN A 130 22.42 5.95 12.38
CA ASN A 130 21.79 5.68 11.06
C ASN A 130 20.32 6.09 11.12
N TYR A 131 20.06 7.36 10.81
CA TYR A 131 18.69 7.82 10.87
C TYR A 131 17.89 7.67 9.61
N ALA A 132 18.47 7.07 8.58
CA ALA A 132 17.84 6.76 7.35
C ALA A 132 17.01 5.49 7.37
N LEU A 133 17.32 4.63 8.37
CA LEU A 133 16.55 3.44 8.67
C LEU A 133 16.63 2.44 7.51
N THR A 134 17.79 2.43 6.87
CA THR A 134 18.14 1.45 5.82
C THR A 134 19.50 0.88 6.16
N GLY A 135 19.70 -0.39 6.00
CA GLY A 135 20.87 -1.04 6.55
C GLY A 135 20.68 -1.47 7.97
N LEU A 136 21.71 -1.34 8.81
CA LEU A 136 21.60 -1.67 10.23
C LEU A 136 21.43 -0.37 11.02
N TYR A 137 20.39 -0.32 11.87
CA TYR A 137 20.08 0.95 12.60
C TYR A 137 19.52 0.68 13.95
N LYS A 138 19.49 1.73 14.74
CA LYS A 138 18.91 1.71 16.05
C LYS A 138 17.56 2.38 16.10
N SER A 139 16.57 1.64 16.62
CA SER A 139 15.22 2.13 16.80
C SER A 139 14.90 2.05 18.27
N LYS A 140 14.91 3.18 18.93
CA LYS A 140 14.83 3.22 20.37
C LYS A 140 15.95 2.40 20.95
N ASN A 141 15.63 1.34 21.64
CA ASN A 141 16.68 0.53 22.23
C ASN A 141 16.89 -0.79 21.48
N ILE A 142 16.37 -0.93 20.23
CA ILE A 142 16.49 -2.16 19.43
C ILE A 142 17.45 -1.83 18.30
N ILE A 143 18.36 -2.78 18.03
CA ILE A 143 19.16 -2.77 16.77
C ILE A 143 18.44 -3.63 15.76
N VAL A 144 18.16 -3.10 14.57
CA VAL A 144 17.39 -3.81 13.53
C VAL A 144 17.95 -3.53 12.17
N SER A 145 17.72 -4.42 11.23
CA SER A 145 18.09 -4.15 9.85
C SER A 145 16.92 -3.93 8.93
N GLN A 146 17.16 -3.20 7.81
CA GLN A 146 16.25 -3.22 6.67
C GLN A 146 17.09 -3.23 5.47
N CYS A 147 17.00 -4.33 4.76
CA CYS A 147 17.91 -4.47 3.57
C CYS A 147 17.22 -4.32 2.21
N GLU A 148 15.94 -4.59 2.08
CA GLU A 148 15.28 -4.35 0.76
C GLU A 148 15.18 -2.82 0.55
N ALA A 149 15.53 -2.28 -0.61
CA ALA A 149 16.11 -3.03 -1.79
C ALA A 149 17.63 -3.06 -1.74
N THR A 150 18.24 -1.96 -1.36
CA THR A 150 19.72 -1.75 -1.50
C THR A 150 20.39 -1.50 -0.14
N GLY A 151 19.80 -1.97 0.95
CA GLY A 151 20.35 -1.81 2.28
C GLY A 151 21.44 -2.77 2.67
N PHE A 152 21.52 -4.02 2.11
CA PHE A 152 22.55 -4.95 2.61
C PHE A 152 23.95 -4.34 2.34
N ARG A 153 24.09 -3.60 1.26
CA ARG A 153 25.41 -2.98 0.93
C ARG A 153 25.79 -1.96 1.93
N ARG A 154 24.88 -1.48 2.75
CA ARG A 154 25.23 -0.61 3.88
C ARG A 154 25.70 -1.35 5.15
N ILE A 155 25.67 -2.69 5.14
CA ILE A 155 26.12 -3.53 6.23
C ILE A 155 27.50 -4.15 5.93
N THR A 156 27.63 -4.66 4.71
CA THR A 156 28.85 -5.29 4.26
C THR A 156 28.92 -5.29 2.76
N PHE A 157 30.06 -5.70 2.17
CA PHE A 157 30.21 -5.74 0.75
C PHE A 157 29.44 -6.94 0.15
N PHE A 158 28.81 -6.71 -0.98
CA PHE A 158 28.10 -7.78 -1.67
C PHE A 158 27.91 -7.34 -3.13
N ILE A 159 27.52 -8.30 -3.96
CA ILE A 159 26.96 -8.04 -5.28
C ILE A 159 25.48 -7.95 -5.05
N ASP A 160 25.01 -6.75 -4.70
CA ASP A 160 23.68 -6.53 -4.04
C ASP A 160 22.60 -6.43 -5.06
N ARG A 161 22.18 -7.60 -5.56
CA ARG A 161 21.13 -7.71 -6.57
C ARG A 161 20.47 -9.06 -6.38
N PRO A 162 19.17 -9.18 -6.69
CA PRO A 162 18.42 -10.31 -6.13
C PRO A 162 18.65 -11.63 -6.83
N ASP A 163 19.38 -11.59 -7.93
CA ASP A 163 19.72 -12.89 -8.55
C ASP A 163 20.97 -13.57 -7.92
N MET A 164 21.58 -12.94 -6.91
CA MET A 164 22.82 -13.49 -6.27
C MET A 164 22.42 -14.20 -5.03
N MET A 165 21.93 -15.41 -5.22
CA MET A 165 21.39 -16.20 -4.15
C MET A 165 22.46 -17.04 -3.46
N ALA A 166 22.35 -17.14 -2.14
CA ALA A 166 23.35 -17.73 -1.26
C ALA A 166 22.77 -18.26 0.04
N LYS A 167 23.49 -19.11 0.77
CA LYS A 167 23.08 -19.57 2.08
C LYS A 167 23.88 -18.87 3.13
N TYR A 168 23.23 -18.57 4.25
CA TYR A 168 23.73 -17.68 5.21
C TYR A 168 23.96 -18.36 6.57
N ASP A 169 25.11 -18.11 7.17
CA ASP A 169 25.49 -18.49 8.57
C ASP A 169 25.90 -17.24 9.34
N VAL A 170 25.04 -16.87 10.31
CA VAL A 170 25.16 -15.54 10.93
C VAL A 170 25.33 -15.66 12.42
N THR A 171 26.38 -15.02 12.93
CA THR A 171 26.67 -14.88 14.33
C THR A 171 26.49 -13.42 14.72
N VAL A 172 25.70 -13.21 15.77
CA VAL A 172 25.54 -11.89 16.36
C VAL A 172 26.09 -11.90 17.76
N THR A 173 26.83 -10.86 18.14
CA THR A 173 27.28 -10.69 19.53
C THR A 173 26.96 -9.29 20.05
N ALA A 174 26.71 -9.21 21.36
CA ALA A 174 26.37 -7.92 21.93
C ALA A 174 26.44 -7.99 23.44
N ASP A 175 26.34 -6.83 24.08
CA ASP A 175 26.15 -6.80 25.54
C ASP A 175 24.88 -7.50 25.94
N LYS A 176 24.98 -8.39 26.91
CA LYS A 176 23.86 -9.21 27.29
C LYS A 176 22.79 -8.46 28.04
N GLU A 177 23.17 -7.52 28.90
CA GLU A 177 22.11 -6.79 29.65
C GLU A 177 21.30 -5.87 28.72
N LYS A 178 21.96 -5.20 27.77
CA LYS A 178 21.28 -4.29 26.88
C LYS A 178 20.51 -5.03 25.75
N TYR A 179 21.11 -6.15 25.29
CA TYR A 179 20.62 -6.87 24.11
C TYR A 179 20.45 -8.36 24.38
N PRO A 180 19.55 -8.75 25.29
CA PRO A 180 19.44 -10.14 25.63
C PRO A 180 18.83 -11.07 24.58
N VAL A 181 18.07 -10.50 23.62
CA VAL A 181 17.51 -11.31 22.55
C VAL A 181 18.19 -10.92 21.25
N LEU A 182 18.73 -11.96 20.61
CA LEU A 182 19.48 -11.86 19.38
C LEU A 182 18.80 -12.77 18.39
N LEU A 183 18.46 -12.22 17.22
CA LEU A 183 17.74 -12.98 16.17
C LEU A 183 18.39 -12.70 14.79
N SER A 184 18.50 -13.77 14.00
CA SER A 184 18.73 -13.67 12.58
C SER A 184 17.92 -14.70 11.86
N ASN A 185 18.08 -14.80 10.53
CA ASN A 185 17.19 -15.69 9.77
C ASN A 185 17.51 -17.13 10.12
N GLY A 186 16.48 -17.97 10.23
CA GLY A 186 16.72 -19.40 10.21
C GLY A 186 16.85 -20.02 11.61
N ASP A 187 17.42 -21.21 11.64
CA ASP A 187 17.58 -22.02 12.90
C ASP A 187 18.61 -21.41 13.79
N LYS A 188 18.34 -21.29 15.11
CA LYS A 188 19.34 -20.87 16.08
C LYS A 188 20.11 -22.14 16.43
N VAL A 189 21.36 -22.21 16.06
CA VAL A 189 22.08 -23.45 16.22
C VAL A 189 23.06 -23.41 17.42
N ASN A 190 23.35 -22.25 17.99
CA ASN A 190 24.14 -22.15 19.21
C ASN A 190 23.95 -20.79 19.91
N GLU A 191 24.14 -20.79 21.23
CA GLU A 191 24.13 -19.63 22.05
C GLU A 191 25.28 -19.76 23.02
N PHE A 192 26.01 -18.68 23.26
CA PHE A 192 27.25 -18.76 24.06
C PHE A 192 27.53 -17.50 24.79
N GLU A 193 28.22 -17.62 25.93
CA GLU A 193 28.69 -16.47 26.68
C GLU A 193 30.03 -16.00 26.18
N ILE A 194 30.28 -14.71 26.38
CA ILE A 194 31.50 -14.07 25.90
C ILE A 194 32.00 -13.19 27.03
N PRO A 195 33.35 -13.18 27.26
CA PRO A 195 33.84 -12.36 28.39
C PRO A 195 33.46 -10.89 28.31
N GLY A 196 33.35 -10.28 29.47
CA GLY A 196 33.02 -8.87 29.59
C GLY A 196 31.54 -8.53 29.48
N GLY A 197 30.67 -9.46 29.84
CA GLY A 197 29.26 -9.28 29.88
C GLY A 197 28.53 -9.38 28.54
N ARG A 198 29.23 -9.94 27.55
CA ARG A 198 28.66 -10.14 26.24
C ARG A 198 28.14 -11.53 26.00
N HIS A 199 27.38 -11.71 24.90
CA HIS A 199 26.91 -13.06 24.50
C HIS A 199 26.69 -13.06 23.03
N GLY A 200 26.58 -14.25 22.51
CA GLY A 200 26.39 -14.52 21.10
C GLY A 200 25.38 -15.57 20.78
N ALA A 201 24.89 -15.48 19.53
CA ALA A 201 23.96 -16.49 19.03
C ALA A 201 24.32 -16.69 17.56
N ARG A 202 24.24 -17.95 17.10
CA ARG A 202 24.50 -18.32 15.72
C ARG A 202 23.28 -18.90 15.04
N PHE A 203 23.03 -18.43 13.81
CA PHE A 203 21.86 -18.80 13.02
C PHE A 203 22.31 -19.45 11.71
N ASN A 204 21.57 -20.45 11.30
CA ASN A 204 21.77 -21.11 9.95
C ASN A 204 20.46 -21.08 9.21
N ASP A 205 20.43 -20.38 8.08
CA ASP A 205 19.25 -20.32 7.20
C ASP A 205 19.54 -21.27 6.02
N PRO A 206 18.87 -22.42 5.99
CA PRO A 206 19.17 -23.42 4.96
C PRO A 206 18.65 -23.05 3.58
N HIS A 207 17.76 -22.07 3.50
CA HIS A 207 17.12 -21.74 2.21
C HIS A 207 18.00 -20.71 1.47
N LEU A 208 18.32 -20.99 0.21
CA LEU A 208 19.05 -20.05 -0.61
C LEU A 208 18.22 -18.76 -0.70
N LYS A 209 18.88 -17.62 -0.61
CA LYS A 209 18.20 -16.33 -0.71
C LYS A 209 19.05 -15.21 -1.23
N PRO A 210 18.37 -14.19 -1.78
CA PRO A 210 19.03 -12.93 -2.07
C PRO A 210 19.28 -12.14 -0.80
N CYS A 211 20.25 -11.24 -0.86
CA CYS A 211 20.69 -10.50 0.33
C CYS A 211 19.59 -9.56 0.85
N TYR A 212 18.62 -9.17 0.03
CA TYR A 212 17.58 -8.28 0.53
C TYR A 212 16.70 -8.91 1.59
N LEU A 213 16.76 -10.24 1.74
CA LEU A 213 15.98 -10.93 2.72
C LEU A 213 16.77 -11.26 4.01
N PHE A 214 18.03 -10.83 4.10
CA PHE A 214 18.79 -10.93 5.33
C PHE A 214 18.16 -10.01 6.36
N ALA A 215 18.12 -10.48 7.61
CA ALA A 215 17.77 -9.61 8.75
C ALA A 215 18.47 -10.01 10.02
N VAL A 216 18.72 -9.02 10.87
CA VAL A 216 19.17 -9.28 12.24
C VAL A 216 18.43 -8.32 13.18
N VAL A 217 18.17 -8.78 14.39
CA VAL A 217 17.56 -7.93 15.42
C VAL A 217 18.31 -8.20 16.75
N ALA A 218 18.57 -7.14 17.50
CA ALA A 218 19.09 -7.31 18.84
C ALA A 218 18.37 -6.36 19.79
N GLY A 219 17.85 -6.89 20.86
CA GLY A 219 17.16 -6.00 21.80
C GLY A 219 16.69 -6.67 23.09
N ASP A 220 16.14 -5.86 24.02
CA ASP A 220 15.43 -6.37 25.18
C ASP A 220 13.96 -6.61 24.84
N LEU A 221 13.72 -7.65 24.09
CA LEU A 221 12.38 -7.86 23.56
C LEU A 221 11.62 -8.92 24.39
N LYS A 222 10.32 -8.74 24.49
CA LYS A 222 9.41 -9.68 25.11
C LYS A 222 8.60 -10.31 24.05
N HIS A 223 7.99 -11.43 24.35
CA HIS A 223 7.28 -12.14 23.33
C HIS A 223 6.04 -12.84 23.79
N LEU A 224 5.17 -13.15 22.79
CA LEU A 224 4.15 -14.19 22.91
C LEU A 224 4.47 -15.32 21.92
N SER A 225 4.10 -16.54 22.24
CA SER A 225 4.41 -17.64 21.34
C SER A 225 3.29 -18.63 21.27
N ALA A 226 3.32 -19.43 20.23
CA ALA A 226 2.35 -20.51 20.05
C ALA A 226 2.94 -21.51 19.12
N THR A 227 2.35 -22.70 19.07
CA THR A 227 2.80 -23.73 18.21
C THR A 227 1.72 -23.99 17.16
N TYR A 228 2.10 -24.10 15.90
CA TYR A 228 1.21 -24.34 14.78
C TYR A 228 1.66 -25.62 14.06
N ILE A 229 0.71 -26.51 13.81
CA ILE A 229 0.98 -27.78 13.14
C ILE A 229 0.48 -27.71 11.72
N THR A 230 1.37 -27.94 10.75
CA THR A 230 0.99 -27.71 9.38
C THR A 230 -0.03 -28.75 8.89
N LYS A 231 -0.81 -28.38 7.92
CA LYS A 231 -2.05 -29.08 7.62
C LYS A 231 -1.77 -30.48 7.01
N TYR A 232 -0.79 -30.52 6.10
CA TYR A 232 -0.56 -31.72 5.26
C TYR A 232 0.56 -32.59 5.76
N THR A 233 1.69 -31.99 6.05
CA THR A 233 2.89 -32.69 6.57
C THR A 233 3.00 -32.71 8.10
N LYS A 234 2.06 -32.07 8.79
CA LYS A 234 2.06 -32.03 10.28
C LYS A 234 3.40 -31.60 10.88
N LYS A 235 4.06 -30.64 10.25
CA LYS A 235 5.33 -30.08 10.79
C LYS A 235 4.97 -29.12 11.94
N LYS A 236 5.65 -29.23 13.07
CA LYS A 236 5.43 -28.30 14.18
C LYS A 236 6.23 -27.03 13.87
N VAL A 237 5.56 -25.89 13.93
CA VAL A 237 6.23 -24.62 13.72
C VAL A 237 6.05 -23.78 14.98
N GLU A 238 7.13 -23.21 15.48
CA GLU A 238 7.02 -22.35 16.65
C GLU A 238 6.86 -20.93 16.11
N LEU A 239 5.81 -20.27 16.60
CA LEU A 239 5.48 -18.90 16.21
C LEU A 239 5.75 -18.04 17.41
N TYR A 240 6.56 -17.03 17.17
CA TYR A 240 7.00 -15.96 18.20
C TYR A 240 6.64 -14.56 17.59
N VAL A 241 6.02 -13.70 18.42
CA VAL A 241 5.82 -12.32 18.11
C VAL A 241 6.50 -11.49 19.16
N PHE A 242 7.28 -10.50 18.77
CA PHE A 242 8.11 -9.74 19.72
C PHE A 242 7.86 -8.23 19.69
N SER A 243 7.96 -7.59 20.86
CA SER A 243 7.96 -6.13 20.97
C SER A 243 8.80 -5.70 22.17
N GLU A 244 9.05 -4.39 22.28
CA GLU A 244 9.54 -3.89 23.57
C GLU A 244 8.55 -4.23 24.72
N GLU A 245 9.11 -4.30 25.94
CA GLU A 245 8.34 -4.71 27.11
C GLU A 245 7.07 -3.90 27.34
N LYS A 246 7.15 -2.59 27.16
CA LYS A 246 5.97 -1.73 27.41
C LYS A 246 4.71 -2.19 26.64
N TYR A 247 4.90 -2.80 25.47
CA TYR A 247 3.83 -3.09 24.57
C TYR A 247 3.59 -4.53 24.27
N VAL A 248 4.16 -5.41 25.09
CA VAL A 248 3.95 -6.86 24.88
C VAL A 248 2.45 -7.23 24.93
N SER A 249 1.67 -6.49 25.70
CA SER A 249 0.19 -6.70 25.80
C SER A 249 -0.51 -6.45 24.49
N LYS A 250 0.19 -5.94 23.48
CA LYS A 250 -0.44 -5.52 22.22
C LYS A 250 -0.10 -6.51 21.08
N LEU A 251 0.46 -7.64 21.42
CA LEU A 251 0.94 -8.59 20.44
C LEU A 251 -0.09 -9.65 20.05
N GLN A 252 -1.18 -9.83 20.82
CA GLN A 252 -1.97 -11.04 20.58
CA GLN A 252 -2.04 -10.97 20.65
C GLN A 252 -2.70 -11.08 19.24
N TRP A 253 -3.26 -9.98 18.75
CA TRP A 253 -4.00 -9.99 17.49
C TRP A 253 -3.05 -10.36 16.34
N ALA A 254 -1.82 -9.85 16.39
CA ALA A 254 -0.84 -10.23 15.35
C ALA A 254 -0.65 -11.72 15.29
N LEU A 255 -0.47 -12.32 16.48
CA LEU A 255 -0.26 -13.79 16.51
C LEU A 255 -1.43 -14.54 15.93
N GLU A 256 -2.64 -14.11 16.31
CA GLU A 256 -3.84 -14.69 15.72
C GLU A 256 -3.86 -14.50 14.17
N CYS A 257 -3.49 -13.31 13.71
CA CYS A 257 -3.49 -13.04 12.29
C CYS A 257 -2.47 -13.91 11.55
N LEU A 258 -1.36 -14.24 12.20
CA LEU A 258 -0.38 -15.12 11.59
C LEU A 258 -0.97 -16.53 11.44
N LYS A 259 -1.65 -17.00 12.49
CA LYS A 259 -2.25 -18.34 12.42
C LYS A 259 -3.28 -18.39 11.25
N LYS A 260 -4.09 -17.32 11.12
CA LYS A 260 -5.08 -17.24 10.05
C LYS A 260 -4.42 -17.22 8.68
N SER A 261 -3.32 -16.49 8.58
CA SER A 261 -2.56 -16.41 7.33
C SER A 261 -1.99 -17.75 6.91
N MET A 262 -1.42 -18.48 7.88
CA MET A 262 -0.85 -19.79 7.58
C MET A 262 -1.95 -20.74 7.11
N ALA A 263 -3.11 -20.69 7.77
CA ALA A 263 -4.21 -21.61 7.40
C ALA A 263 -4.74 -21.25 6.03
N PHE A 264 -4.84 -19.95 5.69
CA PHE A 264 -5.38 -19.56 4.40
C PHE A 264 -4.45 -20.06 3.31
N ASP A 265 -3.13 -19.85 3.47
CA ASP A 265 -2.26 -20.32 2.39
C ASP A 265 -2.33 -21.87 2.24
N GLU A 266 -2.50 -22.58 3.34
CA GLU A 266 -2.72 -24.07 3.27
C GLU A 266 -4.00 -24.35 2.49
N ASP A 267 -5.08 -23.71 2.91
CA ASP A 267 -6.42 -24.01 2.44
C ASP A 267 -6.66 -23.65 0.99
N TYR A 268 -6.25 -22.47 0.56
CA TYR A 268 -6.48 -21.97 -0.76
C TYR A 268 -5.41 -22.45 -1.72
N PHE A 269 -4.13 -22.32 -1.33
CA PHE A 269 -3.01 -22.53 -2.25
C PHE A 269 -2.23 -23.83 -2.01
N GLY A 270 -2.50 -24.55 -0.94
CA GLY A 270 -1.78 -25.77 -0.62
C GLY A 270 -0.35 -25.56 -0.15
N LEU A 271 -0.06 -24.38 0.40
CA LEU A 271 1.30 -24.00 0.70
C LEU A 271 1.55 -23.99 2.19
N GLU A 272 2.55 -24.77 2.60
CA GLU A 272 2.97 -24.90 4.00
C GLU A 272 4.24 -24.14 4.32
N TYR A 273 4.31 -23.62 5.54
CA TYR A 273 5.57 -22.98 6.03
C TYR A 273 6.72 -24.01 6.04
N ASP A 274 7.94 -23.51 5.92
CA ASP A 274 9.10 -24.27 5.58
C ASP A 274 10.30 -24.14 6.50
N LEU A 275 10.08 -23.60 7.71
CA LEU A 275 11.07 -23.63 8.74
C LEU A 275 10.39 -24.03 10.04
N SER A 276 11.21 -24.44 11.04
CA SER A 276 10.71 -24.81 12.37
C SER A 276 10.24 -23.65 13.18
N ARG A 277 10.66 -22.43 12.82
CA ARG A 277 10.29 -21.27 13.60
C ARG A 277 10.02 -20.10 12.66
N LEU A 278 9.10 -19.29 13.14
CA LEU A 278 8.75 -17.87 12.38
C LEU A 278 8.66 -16.80 13.42
N ASN A 279 9.50 -15.77 13.33
CA ASN A 279 9.48 -14.70 14.30
C ASN A 279 8.89 -13.46 13.61
N LEU A 280 7.99 -12.71 14.30
CA LEU A 280 7.64 -11.38 13.88
C LEU A 280 8.06 -10.39 14.95
N VAL A 281 8.62 -9.25 14.52
CA VAL A 281 9.23 -8.26 15.48
C VAL A 281 8.69 -6.85 15.17
N ALA A 282 8.12 -6.16 16.18
CA ALA A 282 7.71 -4.75 16.03
C ALA A 282 8.81 -3.82 16.43
N VAL A 283 9.06 -2.83 15.57
CA VAL A 283 10.01 -1.70 15.88
C VAL A 283 9.30 -0.36 15.66
N SER A 284 9.70 0.60 16.46
CA SER A 284 9.04 1.89 16.47
C SER A 284 9.38 2.76 15.23
N ASP A 285 10.62 2.63 14.71
CA ASP A 285 11.14 3.50 13.63
C ASP A 285 11.31 2.64 12.36
N PHE A 286 10.39 2.83 11.43
CA PHE A 286 10.37 2.03 10.22
C PHE A 286 9.80 2.79 9.08
N ASN A 287 10.48 2.69 7.92
CA ASN A 287 10.08 3.57 6.82
C ASN A 287 8.82 3.22 6.14
N VAL A 288 8.46 1.94 6.15
CA VAL A 288 7.25 1.51 5.49
C VAL A 288 6.45 0.61 6.44
N GLY A 289 5.70 -0.35 5.96
CA GLY A 289 4.81 -1.10 6.82
C GLY A 289 5.42 -2.31 7.50
N ALA A 290 6.10 -3.16 6.69
CA ALA A 290 6.76 -4.32 7.23
C ALA A 290 7.57 -4.96 6.11
N MET A 291 8.32 -5.97 6.45
CA MET A 291 9.29 -6.64 5.56
C MET A 291 9.38 -8.12 5.80
N GLU A 292 9.42 -8.86 4.72
CA GLU A 292 9.27 -10.30 4.71
C GLU A 292 10.58 -11.09 4.90
N ASN A 293 11.55 -10.58 5.62
CA ASN A 293 12.81 -11.34 5.82
C ASN A 293 12.55 -12.78 6.21
N LYS A 294 13.27 -13.72 5.62
CA LYS A 294 12.94 -15.17 5.83
C LYS A 294 12.97 -15.55 7.28
N GLY A 295 11.82 -16.03 7.81
CA GLY A 295 11.76 -16.51 9.18
C GLY A 295 11.77 -15.40 10.23
N LEU A 296 11.88 -14.16 9.78
CA LEU A 296 12.15 -12.99 10.68
C LEU A 296 11.56 -11.75 10.06
N ASN A 297 10.24 -11.69 10.07
CA ASN A 297 9.52 -10.58 9.48
C ASN A 297 9.56 -9.42 10.46
N ILE A 298 9.88 -8.24 9.95
CA ILE A 298 10.00 -7.03 10.80
C ILE A 298 8.98 -5.99 10.42
N PHE A 299 8.30 -5.42 11.43
CA PHE A 299 7.19 -4.58 11.22
C PHE A 299 7.33 -3.20 11.81
N ASN A 300 6.78 -2.21 11.13
CA ASN A 300 6.41 -0.97 11.81
C ASN A 300 5.50 -1.36 12.96
N ALA A 301 5.73 -0.82 14.17
CA ALA A 301 4.85 -1.18 15.27
C ALA A 301 3.39 -0.84 14.96
N ASN A 302 3.15 0.18 14.12
CA ASN A 302 1.76 0.54 13.75
C ASN A 302 1.05 -0.52 12.92
N SER A 303 1.79 -1.49 12.44
CA SER A 303 1.23 -2.56 11.60
C SER A 303 1.36 -3.93 12.28
N LEU A 304 1.70 -3.97 13.56
CA LEU A 304 1.76 -5.20 14.31
C LEU A 304 1.06 -5.14 15.69
N LEU A 305 1.06 -3.98 16.30
CA LEU A 305 0.59 -3.85 17.68
C LEU A 305 -0.77 -3.18 17.75
N ALA A 306 -1.66 -3.76 18.57
CA ALA A 306 -2.96 -3.20 18.90
C ALA A 306 -3.47 -3.72 20.22
N SER A 307 -4.29 -2.89 20.82
CA SER A 307 -5.17 -3.41 21.93
C SER A 307 -6.50 -2.64 21.83
N LYS A 308 -7.61 -3.27 22.23
CA LYS A 308 -8.91 -2.64 21.96
C LYS A 308 -9.14 -1.39 22.79
N LYS A 309 -8.45 -1.25 23.91
CA LYS A 309 -8.60 -0.05 24.73
C LYS A 309 -7.69 1.05 24.18
N ASN A 310 -6.71 0.72 23.33
CA ASN A 310 -5.67 1.71 22.96
C ASN A 310 -5.37 1.83 21.52
N SER A 311 -6.24 1.29 20.65
CA SER A 311 -6.09 1.32 19.25
C SER A 311 -7.44 1.64 18.63
N ILE A 312 -7.44 2.41 17.55
CA ILE A 312 -8.59 2.52 16.71
C ILE A 312 -8.88 1.26 15.92
N ASP A 313 -10.12 1.14 15.47
CA ASP A 313 -10.61 -0.03 14.76
C ASP A 313 -9.74 -0.34 13.55
N PHE A 314 -9.36 0.68 12.80
CA PHE A 314 -8.60 0.49 11.56
C PHE A 314 -7.30 -0.23 11.84
N SER A 315 -6.74 -0.16 13.05
CA SER A 315 -5.50 -0.93 13.36
C SER A 315 -5.71 -2.39 13.14
N TYR A 316 -6.89 -2.91 13.48
CA TYR A 316 -7.11 -4.35 13.33
C TYR A 316 -7.07 -4.90 11.91
N ALA A 317 -7.66 -4.22 10.96
CA ALA A 317 -7.62 -4.57 9.59
C ALA A 317 -6.24 -4.38 9.06
N ARG A 318 -5.55 -3.35 9.51
CA ARG A 318 -4.20 -3.09 9.03
C ARG A 318 -3.23 -4.18 9.42
N ILE A 319 -3.33 -4.65 10.65
CA ILE A 319 -2.45 -5.69 11.15
C ILE A 319 -2.80 -6.96 10.41
N LEU A 320 -4.09 -7.27 10.22
CA LEU A 320 -4.47 -8.47 9.47
C LEU A 320 -3.86 -8.46 8.05
N THR A 321 -3.97 -7.33 7.38
CA THR A 321 -3.43 -7.21 6.01
C THR A 321 -1.91 -7.29 6.03
N VAL A 322 -1.23 -6.61 6.94
CA VAL A 322 0.20 -6.62 6.85
C VAL A 322 0.86 -7.92 7.28
N VAL A 323 0.36 -8.56 8.35
CA VAL A 323 0.85 -9.86 8.72
C VAL A 323 0.64 -10.85 7.57
N GLY A 324 -0.54 -10.80 7.00
CA GLY A 324 -0.90 -11.71 5.88
C GLY A 324 0.07 -11.48 4.73
N HIS A 325 0.21 -10.22 4.35
CA HIS A 325 1.11 -9.85 3.25
C HIS A 325 2.52 -10.37 3.46
N GLU A 326 3.14 -10.05 4.62
CA GLU A 326 4.52 -10.59 4.83
C GLU A 326 4.57 -12.10 4.81
N TYR A 327 3.52 -12.73 5.34
CA TYR A 327 3.49 -14.19 5.36
C TYR A 327 3.42 -14.80 3.95
N PHE A 328 2.58 -14.20 3.13
CA PHE A 328 2.35 -14.65 1.78
C PHE A 328 3.61 -14.50 0.92
N HIS A 329 4.42 -13.52 1.23
CA HIS A 329 5.70 -13.43 0.57
C HIS A 329 6.56 -14.68 0.77
N ASN A 330 6.30 -15.53 1.78
CA ASN A 330 7.24 -16.64 2.01
C ASN A 330 7.34 -17.50 0.78
N TYR A 331 6.22 -17.60 0.02
CA TYR A 331 6.29 -18.20 -1.37
C TYR A 331 6.43 -17.19 -2.45
N THR A 332 5.59 -16.13 -2.48
CA THR A 332 5.63 -15.20 -3.58
C THR A 332 6.61 -14.08 -3.24
N GLY A 333 7.90 -14.36 -3.41
CA GLY A 333 8.98 -13.43 -3.13
C GLY A 333 10.23 -14.15 -2.55
N ASN A 334 10.00 -15.08 -1.58
CA ASN A 334 11.08 -15.74 -0.87
C ASN A 334 11.39 -17.05 -1.60
N ARG A 335 10.51 -18.03 -1.55
CA ARG A 335 10.82 -19.32 -2.19
C ARG A 335 10.83 -19.18 -3.71
N VAL A 336 10.04 -18.24 -4.28
CA VAL A 336 10.25 -17.80 -5.66
C VAL A 336 10.60 -16.35 -5.62
N THR A 337 11.82 -16.00 -5.98
CA THR A 337 12.26 -14.60 -5.86
C THR A 337 12.38 -13.90 -7.22
N LEU A 338 12.93 -12.71 -7.23
CA LEU A 338 13.03 -11.86 -8.46
C LEU A 338 14.35 -12.03 -9.16
N ARG A 339 14.28 -12.11 -10.49
CA ARG A 339 15.51 -12.12 -11.29
C ARG A 339 16.21 -10.76 -11.17
N ASP A 340 15.45 -9.70 -11.14
CA ASP A 340 15.98 -8.32 -11.11
C ASP A 340 14.88 -7.44 -10.57
N TRP A 341 15.19 -6.18 -10.32
CA TRP A 341 14.21 -5.32 -9.64
C TRP A 341 13.13 -4.83 -10.55
N PHE A 342 13.30 -4.95 -11.86
CA PHE A 342 12.24 -4.61 -12.77
C PHE A 342 11.05 -5.54 -12.60
N GLN A 343 11.29 -6.71 -12.07
CA GLN A 343 10.26 -7.69 -11.85
C GLN A 343 9.47 -7.44 -10.52
N LEU A 344 9.67 -6.33 -9.87
CA LEU A 344 9.14 -6.13 -8.52
C LEU A 344 7.66 -6.50 -8.40
N THR A 345 6.88 -6.11 -9.42
CA THR A 345 5.43 -6.37 -9.34
C THR A 345 5.12 -7.87 -9.27
N LEU A 346 6.01 -8.70 -9.79
CA LEU A 346 5.86 -10.16 -9.68
C LEU A 346 5.73 -10.64 -8.20
N LYS A 347 6.47 -10.02 -7.27
CA LYS A 347 6.33 -10.36 -5.89
C LYS A 347 5.30 -9.42 -5.21
N GLU A 348 5.33 -8.14 -5.50
CA GLU A 348 4.41 -7.21 -4.77
C GLU A 348 2.99 -7.26 -5.28
N GLY A 349 2.79 -7.17 -6.59
CA GLY A 349 1.40 -7.28 -7.14
C GLY A 349 0.79 -8.58 -6.73
N LEU A 350 1.55 -9.64 -6.84
CA LEU A 350 1.02 -10.99 -6.57
C LEU A 350 0.76 -11.18 -5.11
N THR A 351 1.60 -10.66 -4.21
CA THR A 351 1.41 -10.76 -2.81
C THR A 351 0.23 -9.90 -2.35
N VAL A 352 0.10 -8.70 -2.87
CA VAL A 352 -1.10 -7.87 -2.60
C VAL A 352 -2.37 -8.60 -3.01
N HIS A 353 -2.39 -9.24 -4.17
CA HIS A 353 -3.55 -10.04 -4.61
C HIS A 353 -3.86 -11.15 -3.61
N ARG A 354 -2.83 -11.89 -3.20
CA ARG A 354 -2.97 -12.98 -2.18
C ARG A 354 -3.52 -12.37 -0.90
N GLU A 355 -2.93 -11.26 -0.43
CA GLU A 355 -3.43 -10.68 0.81
CA GLU A 355 -3.34 -10.53 0.77
C GLU A 355 -4.87 -10.17 0.67
N ASN A 356 -5.26 -9.67 -0.48
CA ASN A 356 -6.66 -9.17 -0.66
C ASN A 356 -7.60 -10.34 -0.63
N LEU A 357 -7.27 -11.45 -1.29
CA LEU A 357 -8.08 -12.71 -1.20
C LEU A 357 -8.25 -13.13 0.25
N PHE A 358 -7.14 -13.12 0.96
CA PHE A 358 -7.16 -13.44 2.41
C PHE A 358 -8.05 -12.49 3.22
N SER A 359 -7.88 -11.18 3.07
CA SER A 359 -8.68 -10.19 3.87
C SER A 359 -10.15 -10.29 3.52
N GLU A 360 -10.46 -10.50 2.24
CA GLU A 360 -11.87 -10.62 1.84
C GLU A 360 -12.47 -11.82 2.56
N GLU A 361 -11.72 -12.94 2.63
CA GLU A 361 -12.16 -14.20 3.31
C GLU A 361 -12.31 -14.02 4.78
N MET A 362 -11.41 -13.27 5.42
CA MET A 362 -11.42 -13.15 6.87
C MET A 362 -12.45 -12.15 7.35
N THR A 363 -12.66 -11.04 6.65
CA THR A 363 -13.61 -10.03 7.09
C THR A 363 -15.06 -10.34 6.70
N LYS A 364 -15.24 -10.97 5.55
CA LYS A 364 -16.60 -11.32 4.98
C LYS A 364 -17.48 -10.10 4.88
N THR A 365 -16.90 -8.94 4.58
CA THR A 365 -17.66 -7.73 4.41
C THR A 365 -17.42 -7.16 3.03
N VAL A 366 -18.44 -6.63 2.36
CA VAL A 366 -18.19 -6.14 0.96
C VAL A 366 -17.31 -4.89 0.92
N THR A 367 -17.21 -4.15 2.02
CA THR A 367 -16.41 -2.96 2.10
C THR A 367 -14.92 -3.24 1.93
N THR A 368 -14.46 -4.47 2.14
CA THR A 368 -13.09 -4.78 1.98
C THR A 368 -12.63 -4.59 0.49
N ARG A 369 -13.31 -5.23 -0.42
CA ARG A 369 -13.01 -5.06 -1.84
C ARG A 369 -13.24 -3.62 -2.23
N LEU A 370 -14.30 -2.96 -1.72
CA LEU A 370 -14.51 -1.55 -2.11
C LEU A 370 -13.39 -0.64 -1.69
N SER A 371 -12.81 -0.87 -0.49
CA SER A 371 -11.72 -0.06 -0.03
C SER A 371 -10.51 -0.14 -0.97
N HIS A 372 -10.27 -1.33 -1.49
CA HIS A 372 -9.16 -1.56 -2.41
CA HIS A 372 -9.11 -1.51 -2.41
C HIS A 372 -9.40 -0.78 -3.73
N VAL A 373 -10.62 -0.86 -4.22
CA VAL A 373 -11.02 -0.13 -5.44
C VAL A 373 -10.85 1.37 -5.23
N ASP A 374 -11.34 1.86 -4.07
CA ASP A 374 -11.25 3.28 -3.75
C ASP A 374 -9.79 3.79 -3.79
N LEU A 375 -8.91 3.00 -3.19
CA LEU A 375 -7.46 3.31 -3.18
C LEU A 375 -6.93 3.33 -4.59
N LEU A 376 -7.24 2.34 -5.39
CA LEU A 376 -6.69 2.35 -6.74
C LEU A 376 -7.19 3.57 -7.51
N ARG A 377 -8.49 3.79 -7.52
CA ARG A 377 -9.03 4.79 -8.44
C ARG A 377 -8.79 6.21 -8.06
N SER A 378 -8.38 6.38 -6.83
CA SER A 378 -7.94 7.72 -6.37
C SER A 378 -6.40 7.80 -6.55
N VAL A 379 -5.62 7.17 -5.67
CA VAL A 379 -4.20 7.44 -5.72
C VAL A 379 -3.55 6.84 -6.95
N GLN A 380 -3.90 5.61 -7.32
CA GLN A 380 -3.16 5.01 -8.44
C GLN A 380 -3.52 5.62 -9.79
N PHE A 381 -4.81 5.90 -10.03
CA PHE A 381 -5.24 6.57 -11.24
C PHE A 381 -4.55 7.93 -11.34
N LEU A 382 -4.47 8.65 -10.24
CA LEU A 382 -3.75 9.97 -10.28
C LEU A 382 -2.31 9.77 -10.71
N GLU A 383 -1.65 8.82 -10.09
CA GLU A 383 -0.26 8.52 -10.50
C GLU A 383 -0.18 8.22 -11.98
N ASP A 384 -1.08 7.41 -12.48
CA ASP A 384 -1.03 6.98 -13.88
C ASP A 384 -1.37 8.07 -14.91
N SER A 385 -1.94 9.22 -14.50
CA SER A 385 -2.18 10.33 -15.39
C SER A 385 -1.11 11.46 -15.13
N SER A 386 -0.17 11.21 -14.20
CA SER A 386 0.84 12.18 -13.80
C SER A 386 2.05 12.00 -14.64
N PRO A 387 2.97 12.96 -14.47
CA PRO A 387 4.26 12.72 -15.15
C PRO A 387 5.12 11.58 -14.61
N LEU A 388 4.71 11.02 -13.47
CA LEU A 388 5.35 9.82 -12.88
C LEU A 388 4.80 8.45 -13.44
N SER A 389 3.82 8.54 -14.33
CA SER A 389 3.19 7.37 -14.91
C SER A 389 4.19 6.36 -15.41
N HIS A 390 4.05 5.11 -15.01
CA HIS A 390 4.94 4.01 -15.41
C HIS A 390 4.11 2.72 -15.57
N PRO A 391 4.56 1.81 -16.41
CA PRO A 391 3.93 0.50 -16.41
C PRO A 391 4.26 -0.25 -15.11
N ILE A 392 3.52 -1.35 -14.83
CA ILE A 392 3.79 -2.08 -13.64
C ILE A 392 5.14 -2.77 -13.64
N ARG A 393 5.70 -3.02 -14.84
CA ARG A 393 7.10 -3.41 -15.02
C ARG A 393 7.82 -2.25 -15.70
N PRO A 394 8.48 -1.41 -14.90
CA PRO A 394 9.17 -0.24 -15.49
C PRO A 394 10.31 -0.64 -16.45
N GLU A 395 10.68 0.31 -17.32
CA GLU A 395 11.76 0.10 -18.29
C GLU A 395 13.11 0.67 -17.78
N SER A 396 13.09 1.50 -16.76
CA SER A 396 14.33 2.17 -16.23
C SER A 396 14.17 2.80 -14.88
N TYR A 397 15.28 3.00 -14.18
CA TYR A 397 15.29 3.69 -12.89
C TYR A 397 16.67 4.19 -12.56
N VAL A 398 16.73 5.19 -11.68
CA VAL A 398 17.94 5.60 -11.03
C VAL A 398 17.99 5.08 -9.63
N SER A 399 16.99 5.36 -8.78
CA SER A 399 16.90 4.76 -7.44
C SER A 399 15.72 3.76 -7.53
N MET A 400 15.98 2.46 -7.42
CA MET A 400 14.88 1.46 -7.41
C MET A 400 13.84 1.76 -6.36
N GLU A 401 14.26 2.44 -5.29
CA GLU A 401 13.35 2.73 -4.17
C GLU A 401 12.12 3.58 -4.55
N ASN A 402 12.30 4.42 -5.58
CA ASN A 402 11.20 5.22 -6.09
C ASN A 402 10.18 4.44 -6.90
N PHE A 403 10.42 3.14 -7.12
CA PHE A 403 9.41 2.35 -7.84
C PHE A 403 8.58 1.42 -6.96
N TYR A 404 8.64 1.62 -5.66
CA TYR A 404 7.74 0.99 -4.78
C TYR A 404 6.45 1.80 -4.71
N THR A 405 5.68 1.72 -5.74
CA THR A 405 4.57 2.65 -6.02
C THR A 405 3.21 1.97 -5.96
N THR A 406 2.18 2.76 -5.86
CA THR A 406 0.81 2.18 -5.89
C THR A 406 0.54 1.57 -7.28
N THR A 407 1.23 2.06 -8.31
CA THR A 407 1.16 1.36 -9.62
C THR A 407 1.70 -0.08 -9.49
N VAL A 408 2.94 -0.22 -9.05
CA VAL A 408 3.53 -1.60 -8.94
C VAL A 408 2.75 -2.52 -8.02
N TYR A 409 2.27 -1.96 -6.90
CA TYR A 409 1.53 -2.70 -5.92
C TYR A 409 0.06 -2.94 -6.26
N ASP A 410 -0.68 -1.86 -6.39
CA ASP A 410 -2.13 -1.92 -6.46
C ASP A 410 -2.61 -2.14 -7.88
N LYS A 411 -2.07 -1.44 -8.88
CA LYS A 411 -2.39 -1.85 -10.25
C LYS A 411 -1.82 -3.26 -10.51
N GLY A 412 -0.59 -3.55 -10.05
CA GLY A 412 -0.11 -4.92 -10.13
C GLY A 412 -1.02 -5.95 -9.54
N SER A 413 -1.59 -5.63 -8.40
CA SER A 413 -2.53 -6.61 -7.78
C SER A 413 -3.76 -6.84 -8.64
N GLU A 414 -4.27 -5.78 -9.31
CA GLU A 414 -5.42 -5.93 -10.17
C GLU A 414 -5.12 -6.70 -11.40
N VAL A 415 -3.91 -6.51 -11.89
CA VAL A 415 -3.45 -7.34 -13.02
C VAL A 415 -3.31 -8.79 -12.60
N MET A 416 -2.82 -9.06 -11.38
CA MET A 416 -2.74 -10.48 -10.85
C MET A 416 -4.19 -11.01 -10.60
N ARG A 417 -5.09 -10.17 -10.17
CA ARG A 417 -6.47 -10.60 -9.96
C ARG A 417 -7.22 -10.93 -11.26
N MET A 418 -6.94 -10.26 -12.37
CA MET A 418 -7.66 -10.50 -13.57
C MET A 418 -7.41 -11.93 -14.09
N TYR A 419 -6.25 -12.52 -13.76
CA TYR A 419 -6.00 -13.92 -14.12
C TYR A 419 -7.06 -14.80 -13.46
N LEU A 420 -7.38 -14.53 -12.21
CA LEU A 420 -8.38 -15.28 -11.45
C LEU A 420 -9.73 -15.10 -12.12
N THR A 421 -10.03 -13.88 -12.49
CA THR A 421 -11.35 -13.59 -13.15
C THR A 421 -11.50 -14.33 -14.44
N ILE A 422 -10.46 -14.29 -15.25
CA ILE A 422 -10.42 -14.95 -16.55
C ILE A 422 -10.46 -16.46 -16.41
N LEU A 423 -9.68 -17.02 -15.53
CA LEU A 423 -9.58 -18.49 -15.40
C LEU A 423 -10.58 -19.19 -14.57
N GLY A 424 -11.16 -18.50 -13.58
CA GLY A 424 -11.94 -19.13 -12.50
C GLY A 424 -11.05 -19.78 -11.47
N GLU A 425 -11.59 -20.09 -10.30
CA GLU A 425 -10.79 -20.58 -9.16
C GLU A 425 -10.00 -21.83 -9.50
N GLU A 426 -10.65 -22.82 -10.12
CA GLU A 426 -9.98 -24.11 -10.32
C GLU A 426 -8.76 -23.99 -11.25
N TYR A 427 -8.94 -23.37 -12.43
CA TYR A 427 -7.85 -23.24 -13.39
C TYR A 427 -6.84 -22.18 -12.90
N TYR A 428 -7.29 -21.19 -12.15
CA TYR A 428 -6.28 -20.24 -11.51
C TYR A 428 -5.35 -20.99 -10.57
N LYS A 429 -5.93 -21.78 -9.69
CA LYS A 429 -5.12 -22.59 -8.76
C LYS A 429 -4.15 -23.46 -9.51
N LYS A 430 -4.59 -24.06 -10.62
CA LYS A 430 -3.64 -24.86 -11.43
C LYS A 430 -2.49 -24.07 -12.01
N GLY A 431 -2.76 -22.91 -12.62
CA GLY A 431 -1.67 -22.09 -13.08
C GLY A 431 -0.70 -21.60 -12.02
N PHE A 432 -1.27 -21.22 -10.86
CA PHE A 432 -0.41 -20.71 -9.77
C PHE A 432 0.51 -21.82 -9.29
N ASP A 433 -0.03 -23.05 -9.20
CA ASP A 433 0.82 -24.18 -8.77
C ASP A 433 1.89 -24.51 -9.81
N ILE A 434 1.56 -24.46 -11.10
CA ILE A 434 2.61 -24.51 -12.11
C ILE A 434 3.76 -23.52 -11.89
N TYR A 435 3.41 -22.24 -11.66
CA TYR A 435 4.40 -21.24 -11.41
C TYR A 435 5.22 -21.49 -10.15
N ILE A 436 4.54 -21.80 -9.03
CA ILE A 436 5.24 -21.84 -7.75
C ILE A 436 6.19 -23.03 -7.74
N LYS A 437 5.81 -24.13 -8.39
CA LYS A 437 6.62 -25.34 -8.35
C LYS A 437 7.78 -25.27 -9.32
N LYS A 438 7.57 -24.74 -10.51
CA LYS A 438 8.60 -24.72 -11.51
C LYS A 438 9.77 -23.90 -11.10
N ASN A 439 9.48 -22.79 -10.37
CA ASN A 439 10.46 -21.73 -10.09
C ASN A 439 10.91 -21.80 -8.65
N ASP A 440 10.51 -22.84 -7.93
CA ASP A 440 10.92 -23.02 -6.50
C ASP A 440 12.41 -22.97 -6.27
N GLY A 441 12.84 -22.19 -5.29
CA GLY A 441 14.26 -22.09 -4.98
C GLY A 441 15.05 -21.29 -6.00
N ASN A 442 14.35 -20.57 -6.90
CA ASN A 442 15.01 -19.81 -7.95
C ASN A 442 14.40 -18.44 -8.13
N THR A 443 14.99 -17.73 -9.05
CA THR A 443 14.43 -16.45 -9.49
C THR A 443 13.38 -16.63 -10.56
N ALA A 444 12.54 -15.59 -10.75
CA ALA A 444 11.54 -15.61 -11.80
C ALA A 444 11.32 -14.21 -12.36
N THR A 445 10.66 -14.20 -13.51
CA THR A 445 10.24 -13.00 -14.19
C THR A 445 8.74 -12.95 -14.39
N CYS A 446 8.23 -11.78 -14.71
CA CYS A 446 6.83 -11.63 -15.04
C CYS A 446 6.41 -12.58 -16.18
N GLU A 447 7.26 -12.77 -17.19
CA GLU A 447 7.00 -13.76 -18.26
C GLU A 447 6.78 -15.15 -17.73
N ASP A 448 7.56 -15.61 -16.72
CA ASP A 448 7.35 -16.89 -16.18
C ASP A 448 5.94 -17.04 -15.60
N PHE A 449 5.43 -15.99 -14.96
CA PHE A 449 4.08 -16.06 -14.40
C PHE A 449 3.00 -16.15 -15.47
N ASN A 450 3.18 -15.36 -16.49
CA ASN A 450 2.25 -15.28 -17.63
C ASN A 450 2.20 -16.64 -18.36
N TYR A 451 3.37 -17.27 -18.48
CA TYR A 451 3.48 -18.62 -19.07
C TYR A 451 2.75 -19.66 -18.33
N ALA A 452 2.84 -19.64 -16.97
CA ALA A 452 2.13 -20.61 -16.15
C ALA A 452 0.63 -20.40 -16.29
N MET A 453 0.21 -19.10 -16.32
CA MET A 453 -1.23 -18.79 -16.43
C MET A 453 -1.70 -19.18 -17.84
N GLU A 454 -0.83 -19.04 -18.82
CA GLU A 454 -1.17 -19.41 -20.20
C GLU A 454 -1.37 -20.94 -20.29
N GLN A 455 -0.59 -21.71 -19.54
CA GLN A 455 -0.84 -23.18 -19.59
C GLN A 455 -2.18 -23.52 -19.04
N ALA A 456 -2.59 -22.87 -17.94
CA ALA A 456 -3.94 -23.05 -17.38
C ALA A 456 -5.07 -22.60 -18.37
N TYR A 457 -4.81 -21.53 -19.09
CA TYR A 457 -5.76 -20.96 -20.05
C TYR A 457 -6.00 -21.96 -21.20
N LYS A 458 -4.93 -22.49 -21.73
CA LYS A 458 -5.04 -23.54 -22.79
C LYS A 458 -5.86 -24.68 -22.32
N MET A 459 -5.61 -25.15 -21.09
CA MET A 459 -6.41 -26.26 -20.50
C MET A 459 -7.88 -25.81 -20.37
N LYS A 460 -8.12 -24.60 -19.86
CA LYS A 460 -9.50 -24.14 -19.62
C LYS A 460 -10.29 -24.08 -20.93
N LYS A 461 -9.63 -23.59 -21.99
CA LYS A 461 -10.21 -23.39 -23.34
C LYS A 461 -10.24 -24.72 -24.14
N ALA A 462 -9.64 -25.77 -23.55
CA ALA A 462 -9.29 -27.07 -24.19
C ALA A 462 -8.76 -26.88 -25.62
N ASP A 463 -7.80 -25.97 -25.72
CA ASP A 463 -7.28 -25.50 -27.00
C ASP A 463 -5.80 -25.14 -26.78
N ASN A 464 -4.90 -26.03 -27.23
CA ASN A 464 -3.47 -25.77 -27.08
C ASN A 464 -2.93 -24.69 -28.01
N SER A 465 -3.75 -24.06 -28.84
CA SER A 465 -3.37 -22.85 -29.61
C SER A 465 -3.79 -21.46 -29.00
N ALA A 466 -4.66 -21.48 -27.99
CA ALA A 466 -4.98 -20.29 -27.17
C ALA A 466 -3.69 -19.76 -26.52
N ASN A 467 -3.54 -18.43 -26.46
CA ASN A 467 -2.36 -17.82 -25.83
C ASN A 467 -2.68 -16.53 -25.09
N LEU A 468 -1.80 -16.19 -24.16
CA LEU A 468 -1.92 -14.95 -23.45
C LEU A 468 -0.89 -13.91 -23.82
N ASN A 469 -0.45 -13.91 -25.08
CA ASN A 469 0.57 -12.99 -25.46
CA ASN A 469 0.59 -12.97 -25.47
C ASN A 469 0.12 -11.54 -25.31
N GLN A 470 -1.14 -11.27 -25.68
CA GLN A 470 -1.69 -9.95 -25.50
C GLN A 470 -1.72 -9.50 -24.05
N TYR A 471 -1.89 -10.48 -23.16
CA TYR A 471 -1.93 -10.16 -21.71
C TYR A 471 -0.68 -9.41 -21.25
N LEU A 472 0.48 -9.68 -21.82
CA LEU A 472 1.69 -9.05 -21.43
C LEU A 472 1.69 -7.52 -21.49
N LEU A 473 0.79 -6.95 -22.29
CA LEU A 473 0.65 -5.55 -22.41
C LEU A 473 0.22 -4.95 -21.07
N TRP A 474 -0.45 -5.75 -20.21
CA TRP A 474 -0.67 -5.19 -18.90
C TRP A 474 0.59 -4.93 -18.05
N PHE A 475 1.70 -5.61 -18.40
CA PHE A 475 2.97 -5.37 -17.72
C PHE A 475 3.74 -4.21 -18.33
N SER A 476 3.62 -4.04 -19.64
CA SER A 476 4.46 -3.09 -20.39
C SER A 476 3.83 -1.79 -20.69
N GLN A 477 2.49 -1.67 -20.75
CA GLN A 477 1.83 -0.44 -21.18
C GLN A 477 1.39 0.38 -19.99
N SER A 478 1.75 1.63 -19.94
CA SER A 478 1.26 2.50 -18.88
C SER A 478 -0.03 3.11 -19.22
N GLY A 479 -0.61 3.72 -18.19
CA GLY A 479 -1.83 4.48 -18.30
C GLY A 479 -3.05 3.67 -17.98
N THR A 480 -4.14 4.37 -17.69
CA THR A 480 -5.42 3.66 -17.36
C THR A 480 -6.34 3.61 -18.60
N PRO A 481 -6.76 2.40 -19.03
CA PRO A 481 -7.74 2.30 -20.11
C PRO A 481 -9.06 2.94 -19.75
N HIS A 482 -9.75 3.48 -20.74
CA HIS A 482 -11.08 4.01 -20.65
C HIS A 482 -11.99 3.06 -21.42
N VAL A 483 -13.00 2.51 -20.74
CA VAL A 483 -13.93 1.58 -21.39
C VAL A 483 -15.32 2.22 -21.40
N SER A 484 -15.92 2.30 -22.56
CA SER A 484 -17.21 2.96 -22.79
C SER A 484 -18.16 2.01 -23.50
N PHE A 485 -19.42 2.30 -23.31
CA PHE A 485 -20.51 1.39 -23.72
C PHE A 485 -21.66 2.08 -24.44
N LYS A 486 -22.25 1.32 -25.39
CA LYS A 486 -23.54 1.65 -25.99
C LYS A 486 -24.42 0.42 -26.00
N TYR A 487 -25.72 0.64 -25.85
CA TYR A 487 -26.66 -0.49 -25.70
C TYR A 487 -27.77 -0.40 -26.70
N ASN A 488 -28.27 -1.55 -27.10
CA ASN A 488 -29.47 -1.61 -27.97
CA ASN A 488 -29.40 -1.62 -27.98
C ASN A 488 -30.27 -2.85 -27.63
N TYR A 489 -31.57 -2.65 -27.61
CA TYR A 489 -32.53 -3.70 -27.32
C TYR A 489 -33.59 -3.81 -28.46
N ASP A 490 -33.77 -5.01 -28.95
CA ASP A 490 -34.76 -5.33 -29.98
C ASP A 490 -35.85 -6.16 -29.29
N ALA A 491 -36.97 -5.46 -29.01
CA ALA A 491 -38.12 -6.06 -28.23
C ALA A 491 -38.77 -7.23 -28.96
N GLU A 492 -38.79 -7.19 -30.30
CA GLU A 492 -39.45 -8.24 -31.09
C GLU A 492 -38.62 -9.52 -31.04
N LYS A 493 -37.31 -9.32 -31.16
CA LYS A 493 -36.41 -10.42 -31.09
C LYS A 493 -35.94 -10.88 -29.70
N LYS A 494 -36.26 -10.12 -28.66
CA LYS A 494 -35.74 -10.36 -27.30
C LYS A 494 -34.21 -10.47 -27.27
N GLN A 495 -33.59 -9.48 -27.92
CA GLN A 495 -32.17 -9.59 -28.17
C GLN A 495 -31.49 -8.20 -27.80
N TYR A 496 -30.47 -8.31 -26.97
CA TYR A 496 -29.76 -7.20 -26.39
C TYR A 496 -28.30 -7.21 -26.78
N SER A 497 -27.78 -6.02 -27.09
CA SER A 497 -26.43 -5.90 -27.40
C SER A 497 -25.73 -4.83 -26.54
N ILE A 498 -24.49 -5.17 -26.19
CA ILE A 498 -23.55 -4.25 -25.47
C ILE A 498 -22.38 -4.03 -26.42
N HIS A 499 -22.22 -2.79 -26.90
CA HIS A 499 -21.08 -2.42 -27.73
C HIS A 499 -20.03 -1.73 -26.85
N VAL A 500 -18.81 -2.20 -26.89
CA VAL A 500 -17.79 -1.76 -25.96
C VAL A 500 -16.60 -1.27 -26.70
N ASN A 501 -16.04 -0.17 -26.19
CA ASN A 501 -14.83 0.45 -26.78
C ASN A 501 -13.79 0.67 -25.68
N GLN A 502 -12.52 0.45 -26.05
CA GLN A 502 -11.43 0.78 -25.07
C GLN A 502 -10.45 1.77 -25.74
N TYR A 503 -9.93 2.63 -24.90
CA TYR A 503 -8.94 3.67 -25.32
C TYR A 503 -7.98 3.87 -24.18
N THR A 504 -6.68 3.99 -24.50
CA THR A 504 -5.67 4.42 -23.49
C THR A 504 -5.02 5.64 -24.08
N LYS A 505 -4.97 6.69 -23.28
CA LYS A 505 -4.31 7.95 -23.76
C LYS A 505 -2.80 7.76 -23.96
N PRO A 506 -2.27 8.15 -25.14
CA PRO A 506 -0.81 8.15 -25.33
C PRO A 506 -0.09 8.97 -24.24
N ASP A 507 1.15 8.57 -23.95
CA ASP A 507 1.92 9.24 -22.97
C ASP A 507 3.39 9.15 -23.28
N GLU A 508 4.21 9.46 -22.28
CA GLU A 508 5.69 9.46 -22.51
C GLU A 508 6.30 8.10 -22.69
N ASN A 509 5.61 7.08 -22.24
CA ASN A 509 6.05 5.70 -22.33
C ASN A 509 5.69 4.99 -23.61
N GLN A 510 4.53 5.31 -24.18
CA GLN A 510 4.14 4.82 -25.48
C GLN A 510 3.35 5.90 -26.21
N LYS A 511 3.84 6.26 -27.38
CA LYS A 511 3.13 7.18 -28.24
C LYS A 511 1.90 6.56 -28.94
N GLU A 512 1.90 5.22 -29.11
CA GLU A 512 0.77 4.48 -29.66
C GLU A 512 0.40 3.40 -28.65
N LYS A 513 -0.84 3.40 -28.20
CA LYS A 513 -1.28 2.44 -27.24
C LYS A 513 -2.07 1.33 -27.91
N LYS A 514 -1.84 0.12 -27.51
CA LYS A 514 -2.51 -1.07 -28.06
C LYS A 514 -3.66 -1.50 -27.16
N PRO A 515 -4.67 -2.16 -27.74
CA PRO A 515 -5.73 -2.73 -26.97
C PRO A 515 -5.27 -3.82 -26.07
N LEU A 516 -5.85 -3.82 -24.86
CA LEU A 516 -5.55 -4.80 -23.84
C LEU A 516 -6.56 -5.93 -23.81
N PHE A 517 -6.24 -7.04 -23.15
CA PHE A 517 -7.21 -8.12 -22.86
C PHE A 517 -7.96 -7.71 -21.60
N ILE A 518 -9.19 -7.26 -21.78
CA ILE A 518 -9.97 -6.70 -20.64
C ILE A 518 -11.15 -7.62 -20.35
N PRO A 519 -11.14 -8.23 -19.14
CA PRO A 519 -12.28 -9.04 -18.74
C PRO A 519 -13.36 -8.21 -18.12
N ILE A 520 -14.62 -8.33 -18.68
CA ILE A 520 -15.73 -7.52 -18.20
C ILE A 520 -16.77 -8.41 -17.59
N SER A 521 -16.82 -8.53 -16.26
CA SER A 521 -17.85 -9.34 -15.56
CA SER A 521 -17.85 -9.35 -15.62
C SER A 521 -19.18 -8.58 -15.63
N VAL A 522 -20.26 -9.23 -16.05
CA VAL A 522 -21.50 -8.57 -16.41
C VAL A 522 -22.71 -9.39 -15.93
N GLY A 523 -23.65 -8.64 -15.45
CA GLY A 523 -25.03 -9.11 -15.24
C GLY A 523 -26.00 -8.18 -15.94
N LEU A 524 -27.28 -8.59 -15.95
CA LEU A 524 -28.35 -7.78 -16.59
C LEU A 524 -29.52 -7.84 -15.60
N ILE A 525 -29.99 -6.65 -15.22
CA ILE A 525 -31.01 -6.48 -14.24
C ILE A 525 -32.34 -6.11 -14.94
N ASN A 526 -33.44 -6.79 -14.55
CA ASN A 526 -34.73 -6.41 -15.00
C ASN A 526 -35.23 -5.16 -14.23
N PRO A 527 -35.46 -4.04 -14.91
CA PRO A 527 -35.77 -2.80 -14.14
C PRO A 527 -37.14 -2.80 -13.54
N GLU A 528 -38.02 -3.63 -14.11
CA GLU A 528 -39.40 -3.86 -13.57
C GLU A 528 -39.45 -4.43 -12.19
N ASN A 529 -38.72 -5.52 -11.98
CA ASN A 529 -38.75 -6.30 -10.79
C ASN A 529 -37.45 -6.37 -10.05
N GLY A 530 -36.39 -5.73 -10.59
CA GLY A 530 -35.09 -5.84 -9.95
C GLY A 530 -34.35 -7.13 -9.96
N LYS A 531 -34.78 -8.14 -10.72
CA LYS A 531 -34.14 -9.43 -10.75
C LYS A 531 -33.06 -9.64 -11.84
N GLU A 532 -32.17 -10.57 -11.61
CA GLU A 532 -31.12 -11.03 -12.54
C GLU A 532 -31.74 -11.68 -13.74
N MET A 533 -31.18 -11.42 -14.89
CA MET A 533 -31.73 -11.93 -16.13
C MET A 533 -30.81 -12.88 -16.81
N ILE A 534 -29.52 -12.93 -16.51
CA ILE A 534 -28.59 -13.93 -17.07
C ILE A 534 -27.72 -14.53 -15.93
N SER A 535 -27.16 -15.70 -16.22
CA SER A 535 -26.05 -16.23 -15.44
C SER A 535 -24.92 -15.18 -15.53
N GLN A 536 -24.32 -14.79 -14.44
CA GLN A 536 -23.18 -13.88 -14.63
C GLN A 536 -22.13 -14.51 -15.59
N THR A 537 -21.50 -13.69 -16.39
CA THR A 537 -20.66 -14.10 -17.50
C THR A 537 -19.56 -13.09 -17.52
N THR A 538 -18.46 -13.48 -18.14
CA THR A 538 -17.29 -12.63 -18.24
C THR A 538 -17.01 -12.45 -19.70
N LEU A 539 -17.22 -11.24 -20.19
CA LEU A 539 -16.91 -10.82 -21.58
C LEU A 539 -15.44 -10.61 -21.70
N GLU A 540 -14.85 -11.11 -22.76
CA GLU A 540 -13.42 -11.00 -22.96
C GLU A 540 -13.27 -10.02 -24.13
N LEU A 541 -12.94 -8.81 -23.81
CA LEU A 541 -12.70 -7.79 -24.80
C LEU A 541 -11.21 -7.84 -25.16
N THR A 542 -10.89 -8.07 -26.42
CA THR A 542 -9.52 -8.12 -26.82
C THR A 542 -9.22 -7.10 -27.91
N LYS A 543 -10.19 -6.54 -28.57
CA LYS A 543 -9.99 -5.56 -29.61
C LYS A 543 -10.26 -4.16 -29.09
N GLU A 544 -10.00 -3.18 -29.95
CA GLU A 544 -10.35 -1.81 -29.60
C GLU A 544 -11.83 -1.63 -29.38
N SER A 545 -12.65 -2.38 -30.08
CA SER A 545 -14.13 -2.37 -29.84
C SER A 545 -14.72 -3.75 -30.24
N ASP A 546 -15.88 -4.06 -29.65
CA ASP A 546 -16.54 -5.29 -29.94
C ASP A 546 -17.98 -5.14 -29.51
N THR A 547 -18.89 -5.97 -30.05
CA THR A 547 -20.29 -5.95 -29.70
C THR A 547 -20.63 -7.33 -29.24
N PHE A 548 -21.16 -7.41 -28.04
CA PHE A 548 -21.58 -8.70 -27.37
C PHE A 548 -23.07 -8.74 -27.38
N VAL A 549 -23.65 -9.86 -27.89
CA VAL A 549 -25.12 -9.93 -28.07
C VAL A 549 -25.63 -11.09 -27.21
N PHE A 550 -26.79 -10.86 -26.63
CA PHE A 550 -27.51 -11.79 -25.74
C PHE A 550 -28.92 -12.01 -26.29
N ASN A 551 -29.26 -13.32 -26.47
CA ASN A 551 -30.61 -13.70 -26.80
C ASN A 551 -31.43 -14.08 -25.53
N ASN A 552 -32.74 -14.25 -25.74
CA ASN A 552 -33.73 -14.62 -24.68
C ASN A 552 -33.71 -13.62 -23.50
N ILE A 553 -33.60 -12.35 -23.90
CA ILE A 553 -33.68 -11.21 -22.94
C ILE A 553 -35.06 -10.64 -23.04
N ALA A 554 -35.88 -10.94 -22.03
CA ALA A 554 -37.33 -10.76 -22.17
C ALA A 554 -37.87 -9.34 -22.13
N VAL A 555 -37.14 -8.45 -21.52
CA VAL A 555 -37.45 -7.07 -21.47
C VAL A 555 -36.15 -6.29 -21.54
N LYS A 556 -36.23 -5.00 -21.81
CA LYS A 556 -35.01 -4.16 -21.91
C LYS A 556 -34.33 -4.10 -20.51
N PRO A 557 -33.09 -4.57 -20.37
CA PRO A 557 -32.38 -4.61 -19.08
C PRO A 557 -31.66 -3.31 -18.77
N ILE A 558 -31.15 -3.27 -17.52
CA ILE A 558 -30.12 -2.33 -17.18
C ILE A 558 -28.89 -3.18 -16.93
N PRO A 559 -27.78 -2.84 -17.61
CA PRO A 559 -26.61 -3.69 -17.46
C PRO A 559 -25.84 -3.40 -16.20
N SER A 560 -25.30 -4.45 -15.58
CA SER A 560 -24.47 -4.37 -14.40
C SER A 560 -23.04 -4.74 -14.81
N LEU A 561 -22.24 -3.68 -15.01
CA LEU A 561 -20.93 -3.75 -15.71
C LEU A 561 -19.72 -3.70 -14.81
N PHE A 562 -18.75 -4.54 -15.17
CA PHE A 562 -17.50 -4.65 -14.41
C PHE A 562 -17.75 -5.05 -12.96
N ARG A 563 -18.59 -6.04 -12.77
CA ARG A 563 -18.85 -6.58 -11.43
C ARG A 563 -17.56 -6.93 -10.68
N GLY A 564 -17.51 -6.52 -9.40
CA GLY A 564 -16.35 -6.73 -8.59
C GLY A 564 -15.16 -5.86 -8.97
N PHE A 565 -15.41 -4.90 -9.87
CA PHE A 565 -14.38 -4.05 -10.56
C PHE A 565 -13.37 -4.96 -11.25
N SER A 566 -13.84 -5.54 -12.35
CA SER A 566 -13.17 -6.70 -12.96
C SER A 566 -11.97 -6.32 -13.79
N ALA A 567 -11.70 -5.05 -14.03
CA ALA A 567 -10.43 -4.64 -14.64
C ALA A 567 -10.14 -3.25 -14.16
N PRO A 568 -8.86 -2.85 -14.22
CA PRO A 568 -8.43 -1.53 -13.62
C PRO A 568 -8.57 -0.47 -14.67
N VAL A 569 -9.79 0.01 -14.84
CA VAL A 569 -10.10 0.92 -15.90
C VAL A 569 -11.02 2.06 -15.47
N TYR A 570 -11.07 3.13 -16.29
CA TYR A 570 -12.09 4.13 -16.21
C TYR A 570 -13.37 3.60 -16.90
N ILE A 571 -14.46 3.53 -16.18
CA ILE A 571 -15.74 2.99 -16.72
C ILE A 571 -16.67 4.13 -17.05
N GLU A 572 -17.10 4.16 -18.30
CA GLU A 572 -18.12 5.14 -18.79
C GLU A 572 -19.35 4.32 -19.06
N ASP A 573 -20.28 4.30 -18.10
CA ASP A 573 -21.44 3.39 -18.21
C ASP A 573 -22.50 3.85 -19.19
N ASN A 574 -22.50 5.13 -19.53
CA ASN A 574 -23.51 5.75 -20.40
CA ASN A 574 -23.51 5.65 -20.44
C ASN A 574 -24.94 5.41 -19.95
N LEU A 575 -25.15 5.32 -18.63
CA LEU A 575 -26.48 5.12 -18.04
C LEU A 575 -27.03 6.43 -17.59
N THR A 576 -28.36 6.51 -17.58
CA THR A 576 -29.03 7.66 -16.95
C THR A 576 -28.95 7.56 -15.46
N ASP A 577 -29.17 8.70 -14.81
CA ASP A 577 -29.24 8.64 -13.38
C ASP A 577 -30.39 7.73 -12.88
N GLU A 578 -31.53 7.74 -13.60
CA GLU A 578 -32.63 6.85 -13.21
C GLU A 578 -32.16 5.38 -13.25
N GLU A 579 -31.43 4.99 -14.30
CA GLU A 579 -30.93 3.62 -14.37
C GLU A 579 -29.90 3.30 -13.25
N ARG A 580 -29.03 4.26 -12.98
CA ARG A 580 -28.04 4.14 -11.87
C ARG A 580 -28.73 3.97 -10.53
N ILE A 581 -29.81 4.73 -10.28
CA ILE A 581 -30.54 4.57 -9.04
C ILE A 581 -31.10 3.13 -8.94
N LEU A 582 -31.63 2.59 -10.04
CA LEU A 582 -32.18 1.24 -10.01
C LEU A 582 -31.12 0.19 -9.69
N LEU A 583 -29.89 0.35 -10.22
CA LEU A 583 -28.86 -0.55 -9.86
C LEU A 583 -28.47 -0.38 -8.39
N LEU A 584 -28.33 0.87 -7.94
CA LEU A 584 -28.01 1.12 -6.53
C LEU A 584 -28.96 0.37 -5.64
N LYS A 585 -30.26 0.45 -5.98
CA LYS A 585 -31.29 -0.20 -5.13
C LYS A 585 -31.27 -1.73 -5.25
N TYR A 586 -31.19 -2.27 -6.43
CA TYR A 586 -31.57 -3.63 -6.74
C TYR A 586 -30.48 -4.54 -7.26
N ASP A 587 -29.35 -4.03 -7.75
CA ASP A 587 -28.34 -4.96 -8.25
C ASP A 587 -27.76 -5.80 -7.11
N SER A 588 -27.20 -6.94 -7.47
CA SER A 588 -26.55 -7.83 -6.51
C SER A 588 -25.11 -7.47 -6.17
N ASP A 589 -24.40 -6.84 -7.11
CA ASP A 589 -22.96 -6.64 -7.03
C ASP A 589 -22.66 -5.36 -6.25
N ALA A 590 -21.92 -5.49 -5.15
CA ALA A 590 -21.64 -4.31 -4.33
C ALA A 590 -20.85 -3.25 -5.08
N PHE A 591 -19.88 -3.67 -5.88
CA PHE A 591 -19.09 -2.67 -6.63
C PHE A 591 -20.00 -1.91 -7.61
N VAL A 592 -20.85 -2.60 -8.37
CA VAL A 592 -21.68 -1.90 -9.34
C VAL A 592 -22.61 -0.95 -8.62
N ARG A 593 -23.21 -1.40 -7.54
CA ARG A 593 -24.06 -0.51 -6.77
C ARG A 593 -23.32 0.76 -6.30
N TYR A 594 -22.19 0.54 -5.71
CA TYR A 594 -21.32 1.63 -5.29
C TYR A 594 -20.87 2.53 -6.47
N ASN A 595 -20.44 1.94 -7.60
CA ASN A 595 -20.00 2.73 -8.74
C ASN A 595 -21.12 3.57 -9.35
N SER A 596 -22.35 2.95 -9.38
CA SER A 596 -23.55 3.67 -9.87
C SER A 596 -23.77 4.90 -9.08
N CYS A 597 -23.67 4.78 -7.74
CA CYS A 597 -23.75 5.94 -6.84
C CYS A 597 -22.62 6.97 -7.08
N THR A 598 -21.40 6.46 -7.20
CA THR A 598 -20.22 7.26 -7.52
C THR A 598 -20.45 8.06 -8.79
N ASN A 599 -20.97 7.43 -9.82
CA ASN A 599 -21.27 8.08 -11.06
C ASN A 599 -22.32 9.19 -10.99
N ILE A 600 -23.37 8.98 -10.18
CA ILE A 600 -24.37 9.97 -9.98
C ILE A 600 -23.66 11.15 -9.30
N TYR A 601 -22.85 10.90 -8.28
CA TYR A 601 -22.17 11.99 -7.59
C TYR A 601 -21.24 12.72 -8.56
N MET A 602 -20.51 11.96 -9.36
CA MET A 602 -19.59 12.67 -10.25
C MET A 602 -20.29 13.55 -11.24
N LYS A 603 -21.42 13.12 -11.82
CA LYS A 603 -22.16 13.95 -12.77
C LYS A 603 -22.54 15.24 -12.09
N GLN A 604 -23.01 15.11 -10.84
CA GLN A 604 -23.42 16.33 -10.11
C GLN A 604 -22.24 17.24 -9.75
N ILE A 605 -21.12 16.61 -9.30
CA ILE A 605 -19.89 17.39 -8.95
C ILE A 605 -19.40 18.21 -10.18
N LEU A 606 -19.28 17.52 -11.32
CA LEU A 606 -18.74 18.22 -12.47
C LEU A 606 -19.71 19.35 -12.92
N MET A 607 -21.04 19.14 -12.81
CA MET A 607 -22.00 20.13 -13.24
C MET A 607 -21.93 21.32 -12.31
N ASN A 608 -21.92 21.10 -11.01
CA ASN A 608 -21.92 22.22 -10.02
C ASN A 608 -20.57 22.89 -10.08
N TYR A 609 -19.50 22.10 -10.22
CA TYR A 609 -18.13 22.72 -10.35
C TYR A 609 -18.11 23.70 -11.52
N ASN A 610 -18.67 23.30 -12.67
CA ASN A 610 -18.67 24.17 -13.83
C ASN A 610 -19.50 25.46 -13.59
N GLU A 611 -20.62 25.30 -12.91
CA GLU A 611 -21.53 26.42 -12.58
C GLU A 611 -20.79 27.39 -11.66
N PHE A 612 -20.15 26.91 -10.63
CA PHE A 612 -19.39 27.77 -9.68
C PHE A 612 -18.20 28.41 -10.42
N LEU A 613 -17.56 27.66 -11.29
CA LEU A 613 -16.34 28.16 -11.95
C LEU A 613 -16.72 29.28 -12.88
N LYS A 614 -17.77 29.12 -13.64
CA LYS A 614 -18.24 30.18 -14.58
C LYS A 614 -18.63 31.44 -13.82
N ALA A 615 -19.31 31.25 -12.70
CA ALA A 615 -19.67 32.41 -11.85
C ALA A 615 -18.50 33.18 -11.33
N LYS A 616 -17.44 32.46 -10.94
CA LYS A 616 -16.26 33.04 -10.35
C LYS A 616 -15.53 33.74 -11.50
N ASN A 617 -15.43 33.10 -12.66
CA ASN A 617 -14.53 33.67 -13.75
C ASN A 617 -15.19 34.81 -14.40
N GLU A 618 -16.53 34.73 -14.52
CA GLU A 618 -17.28 35.83 -15.14
C GLU A 618 -17.72 36.90 -14.15
N LYS A 619 -17.40 36.71 -12.86
CA LYS A 619 -17.80 37.64 -11.80
C LYS A 619 -19.29 37.96 -11.85
N LEU A 620 -20.13 36.93 -11.90
CA LEU A 620 -21.55 37.13 -12.00
C LEU A 620 -22.09 37.60 -10.64
N GLU A 621 -23.15 38.40 -10.69
CA GLU A 621 -23.81 38.80 -9.42
C GLU A 621 -24.84 37.77 -8.99
N SER A 622 -25.27 36.92 -9.93
CA SER A 622 -26.23 35.86 -9.62
C SER A 622 -26.11 34.75 -10.64
N PHE A 623 -26.58 33.55 -10.26
CA PHE A 623 -26.47 32.38 -11.14
C PHE A 623 -27.21 31.25 -10.44
N ASN A 624 -27.33 30.14 -11.16
CA ASN A 624 -28.01 29.00 -10.68
C ASN A 624 -27.08 27.81 -10.47
N LEU A 625 -27.50 26.90 -9.59
CA LEU A 625 -26.86 25.70 -9.38
C LEU A 625 -27.87 24.57 -9.66
N THR A 626 -27.43 23.48 -10.30
CA THR A 626 -28.26 22.34 -10.56
C THR A 626 -28.43 21.61 -9.21
N PRO A 627 -29.72 21.29 -8.82
CA PRO A 627 -29.89 20.64 -7.51
C PRO A 627 -29.52 19.18 -7.65
N VAL A 628 -29.22 18.59 -6.49
CA VAL A 628 -28.95 17.13 -6.45
C VAL A 628 -30.24 16.41 -6.80
N ASN A 629 -30.21 15.35 -7.59
CA ASN A 629 -31.35 14.58 -8.00
C ASN A 629 -32.15 14.07 -6.79
N ALA A 630 -33.48 14.37 -6.84
CA ALA A 630 -34.29 14.17 -5.70
C ALA A 630 -34.61 12.70 -5.51
N GLN A 631 -34.66 11.97 -6.61
CA GLN A 631 -34.88 10.53 -6.60
C GLN A 631 -33.62 9.77 -6.08
N PHE A 632 -32.44 10.31 -6.31
CA PHE A 632 -31.22 9.76 -5.76
C PHE A 632 -31.23 9.95 -4.23
N ILE A 633 -31.66 11.11 -3.77
CA ILE A 633 -31.72 11.34 -2.35
C ILE A 633 -32.72 10.35 -1.71
N ASP A 634 -33.87 10.18 -2.36
CA ASP A 634 -34.87 9.24 -1.88
C ASP A 634 -34.25 7.83 -1.82
N ALA A 635 -33.44 7.46 -2.82
CA ALA A 635 -32.79 6.14 -2.86
C ALA A 635 -31.82 5.98 -1.68
N ILE A 636 -31.04 7.02 -1.38
CA ILE A 636 -30.21 7.02 -0.18
C ILE A 636 -30.98 6.77 1.11
N LYS A 637 -32.09 7.45 1.23
CA LYS A 637 -32.96 7.29 2.44
C LYS A 637 -33.49 5.85 2.56
N TYR A 638 -33.95 5.31 1.43
CA TYR A 638 -34.44 3.90 1.36
C TYR A 638 -33.36 2.92 1.80
N LEU A 639 -32.14 3.04 1.27
CA LEU A 639 -31.05 2.17 1.68
C LEU A 639 -30.74 2.37 3.18
N LEU A 640 -30.65 3.59 3.63
CA LEU A 640 -30.24 3.81 5.04
C LEU A 640 -31.26 3.21 6.01
N GLU A 641 -32.52 3.31 5.66
CA GLU A 641 -33.65 2.86 6.53
C GLU A 641 -33.86 1.35 6.50
N ASP A 642 -33.19 0.67 5.59
CA ASP A 642 -33.30 -0.78 5.47
C ASP A 642 -32.46 -1.44 6.57
N PRO A 643 -33.12 -2.10 7.54
CA PRO A 643 -32.32 -2.68 8.63
C PRO A 643 -31.48 -3.90 8.22
N HIS A 644 -31.77 -4.48 7.05
CA HIS A 644 -31.07 -5.62 6.58
C HIS A 644 -29.99 -5.24 5.61
N ALA A 645 -29.82 -3.96 5.30
CA ALA A 645 -28.70 -3.51 4.43
C ALA A 645 -27.43 -3.31 5.28
N ASP A 646 -26.29 -3.37 4.62
CA ASP A 646 -25.01 -3.45 5.23
C ASP A 646 -24.54 -2.06 5.72
N ALA A 647 -24.06 -1.99 6.97
CA ALA A 647 -23.65 -0.72 7.53
C ALA A 647 -22.48 -0.11 6.84
N GLY A 648 -21.49 -0.96 6.51
CA GLY A 648 -20.32 -0.47 5.82
C GLY A 648 -20.66 0.11 4.44
N PHE A 649 -21.54 -0.59 3.73
CA PHE A 649 -21.99 -0.12 2.42
C PHE A 649 -22.66 1.24 2.55
N LYS A 650 -23.48 1.42 3.59
CA LYS A 650 -24.20 2.65 3.80
C LYS A 650 -23.20 3.81 3.97
N SER A 651 -22.08 3.52 4.66
CA SER A 651 -21.12 4.62 4.92
C SER A 651 -20.44 5.05 3.62
N TYR A 652 -20.30 4.16 2.63
CA TYR A 652 -19.79 4.56 1.33
C TYR A 652 -20.82 5.43 0.52
N ILE A 653 -22.11 5.17 0.68
CA ILE A 653 -23.13 5.88 -0.14
C ILE A 653 -23.36 7.31 0.29
N VAL A 654 -23.23 7.63 1.59
CA VAL A 654 -23.39 9.01 2.08
C VAL A 654 -22.13 9.83 2.01
N SER A 655 -21.05 9.22 1.50
CA SER A 655 -19.73 9.94 1.36
C SER A 655 -19.54 10.30 -0.12
N LEU A 656 -19.18 11.55 -0.43
CA LEU A 656 -18.84 11.89 -1.78
C LEU A 656 -17.49 11.19 -2.15
N PRO A 657 -17.28 11.10 -3.45
CA PRO A 657 -16.00 10.57 -3.90
C PRO A 657 -14.84 11.43 -3.42
N GLN A 658 -13.73 10.74 -3.16
CA GLN A 658 -12.51 11.42 -2.62
C GLN A 658 -11.99 12.44 -3.60
N ASP A 659 -11.38 13.48 -3.07
CA ASP A 659 -10.88 14.49 -3.92
C ASP A 659 -9.89 14.00 -4.95
N ARG A 660 -9.02 13.07 -4.56
CA ARG A 660 -8.05 12.53 -5.53
C ARG A 660 -8.72 11.68 -6.66
N TYR A 661 -9.90 11.10 -6.41
CA TYR A 661 -10.73 10.53 -7.51
C TYR A 661 -11.27 11.60 -8.43
N ILE A 662 -11.87 12.63 -7.84
CA ILE A 662 -12.49 13.71 -8.60
C ILE A 662 -11.50 14.39 -9.54
N ILE A 663 -10.29 14.67 -9.05
CA ILE A 663 -9.33 15.39 -9.81
C ILE A 663 -8.91 14.67 -11.12
N ASN A 664 -9.09 13.32 -11.21
CA ASN A 664 -8.80 12.66 -12.46
C ASN A 664 -9.73 13.13 -13.62
N PHE A 665 -10.85 13.79 -13.27
CA PHE A 665 -11.90 14.24 -14.20
C PHE A 665 -11.95 15.72 -14.51
N VAL A 666 -10.99 16.44 -13.99
CA VAL A 666 -11.00 17.90 -14.14
C VAL A 666 -9.64 18.36 -14.54
N SER A 667 -9.54 19.19 -15.58
CA SER A 667 -8.25 19.77 -15.85
C SER A 667 -8.25 21.23 -15.34
N ASN A 668 -7.11 21.73 -14.86
CA ASN A 668 -6.96 23.08 -14.36
C ASN A 668 -7.85 23.34 -13.13
N LEU A 669 -7.83 22.36 -12.24
CA LEU A 669 -8.76 22.36 -11.10
C LEU A 669 -8.53 23.50 -10.16
N ASP A 670 -9.60 24.25 -9.87
CA ASP A 670 -9.66 25.25 -8.88
C ASP A 670 -10.17 24.63 -7.55
N THR A 671 -9.25 24.43 -6.59
CA THR A 671 -9.51 23.70 -5.43
C THR A 671 -10.52 24.35 -4.56
N ASP A 672 -10.60 25.69 -4.61
CA ASP A 672 -11.57 26.36 -3.77
CA ASP A 672 -11.59 26.44 -3.81
C ASP A 672 -13.01 26.23 -4.33
N VAL A 673 -13.14 26.25 -5.65
CA VAL A 673 -14.40 25.92 -6.39
C VAL A 673 -14.81 24.50 -6.08
N LEU A 674 -13.88 23.58 -6.11
CA LEU A 674 -14.25 22.19 -5.69
C LEU A 674 -14.76 22.08 -4.27
N ALA A 675 -14.12 22.75 -3.34
CA ALA A 675 -14.55 22.73 -1.98
C ALA A 675 -15.96 23.29 -1.85
N ASP A 676 -16.24 24.37 -2.54
CA ASP A 676 -17.60 25.00 -2.47
C ASP A 676 -18.62 23.97 -3.09
N THR A 677 -18.20 23.28 -4.16
CA THR A 677 -19.03 22.27 -4.83
C THR A 677 -19.42 21.16 -3.87
N LYS A 678 -18.42 20.54 -3.24
CA LYS A 678 -18.68 19.45 -2.30
C LYS A 678 -19.57 19.97 -1.11
N GLU A 679 -19.31 21.17 -0.61
CA GLU A 679 -20.14 21.74 0.50
C GLU A 679 -21.60 21.88 0.08
N TYR A 680 -21.82 22.36 -1.15
CA TYR A 680 -23.20 22.53 -1.64
C TYR A 680 -23.94 21.23 -1.74
N ILE A 681 -23.26 20.23 -2.28
CA ILE A 681 -23.85 18.87 -2.45
C ILE A 681 -24.19 18.28 -1.09
N TYR A 682 -23.21 18.27 -0.19
CA TYR A 682 -23.46 17.71 1.14
C TYR A 682 -24.64 18.40 1.81
N LYS A 683 -24.67 19.69 1.68
CA LYS A 683 -25.74 20.48 2.32
C LYS A 683 -27.10 20.19 1.74
N GLN A 684 -27.18 20.05 0.46
CA GLN A 684 -28.46 19.68 -0.25
C GLN A 684 -28.97 18.36 0.27
N ILE A 685 -28.07 17.38 0.41
CA ILE A 685 -28.49 16.06 0.82
C ILE A 685 -28.91 16.10 2.32
N GLY A 686 -28.13 16.79 3.12
CA GLY A 686 -28.38 16.85 4.58
C GLY A 686 -29.68 17.63 4.88
N ASP A 687 -29.99 18.62 4.05
CA ASP A 687 -31.25 19.32 4.24
C ASP A 687 -32.46 18.43 4.10
N LYS A 688 -32.32 17.37 3.33
CA LYS A 688 -33.33 16.33 3.22
C LYS A 688 -33.21 15.20 4.28
N LEU A 689 -31.99 14.74 4.54
CA LEU A 689 -31.75 13.51 5.26
C LEU A 689 -31.27 13.62 6.70
N ASN A 690 -30.99 14.83 7.25
CA ASN A 690 -30.36 14.89 8.54
C ASN A 690 -31.20 14.24 9.64
N ASP A 691 -32.54 14.28 9.54
CA ASP A 691 -33.32 13.63 10.61
C ASP A 691 -33.15 12.11 10.53
N VAL A 692 -33.05 11.61 9.30
CA VAL A 692 -32.78 10.18 9.07
C VAL A 692 -31.41 9.83 9.69
N TYR A 693 -30.42 10.65 9.35
CA TYR A 693 -29.08 10.47 9.88
C TYR A 693 -29.03 10.42 11.41
N TYR A 694 -29.69 11.35 12.06
CA TYR A 694 -29.73 11.37 13.50
C TYR A 694 -30.45 10.14 14.00
N LYS A 695 -31.60 9.79 13.45
CA LYS A 695 -32.30 8.61 13.93
C LYS A 695 -31.42 7.36 13.86
N MET A 696 -30.74 7.16 12.74
CA MET A 696 -29.82 6.03 12.59
C MET A 696 -28.62 6.08 13.51
N PHE A 697 -28.01 7.27 13.73
CA PHE A 697 -26.94 7.43 14.66
C PHE A 697 -27.37 6.89 16.05
N LYS A 698 -28.53 7.27 16.51
CA LYS A 698 -29.03 6.78 17.79
C LYS A 698 -29.40 5.31 17.76
N SER A 699 -30.07 4.82 16.73
CA SER A 699 -30.62 3.43 16.74
C SER A 699 -29.45 2.43 16.61
N LEU A 700 -28.37 2.83 15.95
CA LEU A 700 -27.23 1.88 15.79
C LEU A 700 -26.35 1.74 17.05
N GLU A 701 -26.48 2.64 18.01
CA GLU A 701 -25.62 2.69 19.19
C GLU A 701 -25.48 1.36 19.91
N ALA A 702 -26.58 0.71 20.15
CA ALA A 702 -26.56 -0.42 21.04
C ALA A 702 -25.70 -1.49 20.42
N LYS A 703 -25.93 -1.82 19.15
CA LYS A 703 -25.16 -2.89 18.49
C LYS A 703 -23.77 -2.47 18.13
N ALA A 704 -23.60 -1.20 17.75
CA ALA A 704 -22.27 -0.71 17.39
C ALA A 704 -21.25 -0.74 18.50
N ASP A 705 -21.71 -0.35 19.67
CA ASP A 705 -20.83 -0.17 20.80
C ASP A 705 -20.96 -1.27 21.86
N ASP A 706 -21.65 -2.38 21.54
CA ASP A 706 -21.67 -3.61 22.37
C ASP A 706 -20.27 -4.06 22.70
N LEU A 707 -20.06 -4.42 23.96
CA LEU A 707 -18.72 -4.78 24.42
C LEU A 707 -18.37 -6.25 24.31
N THR A 708 -19.14 -7.05 23.55
CA THR A 708 -18.71 -8.40 23.26
C THR A 708 -17.36 -8.41 22.61
N TYR A 709 -16.50 -9.27 23.13
CA TYR A 709 -15.14 -9.43 22.58
C TYR A 709 -14.21 -8.28 22.97
N PHE A 710 -14.58 -7.31 23.82
CA PHE A 710 -13.70 -6.23 24.17
C PHE A 710 -12.37 -6.66 24.84
N ASN A 711 -12.38 -7.87 25.48
CA ASN A 711 -11.25 -8.42 26.15
C ASN A 711 -10.62 -9.52 25.38
N ASP A 712 -11.09 -9.76 24.14
CA ASP A 712 -10.64 -10.88 23.30
C ASP A 712 -9.82 -10.33 22.09
N GLU A 713 -8.52 -10.39 22.25
CA GLU A 713 -7.62 -9.91 21.16
C GLU A 713 -7.39 -10.97 20.11
N SER A 714 -8.16 -12.05 20.11
CA SER A 714 -8.08 -13.01 19.05
C SER A 714 -9.23 -12.99 18.05
N HIS A 715 -10.17 -12.10 18.30
CA HIS A 715 -11.41 -12.03 17.48
C HIS A 715 -11.90 -10.63 17.31
N VAL A 716 -12.22 -10.30 16.08
CA VAL A 716 -12.77 -9.00 15.67
C VAL A 716 -14.04 -9.25 14.87
N ASP A 717 -15.10 -8.58 15.28
CA ASP A 717 -16.37 -8.54 14.53
C ASP A 717 -16.32 -7.37 13.56
N PHE A 718 -15.92 -7.66 12.33
CA PHE A 718 -15.87 -6.63 11.27
C PHE A 718 -17.15 -5.93 10.91
N ASP A 719 -18.27 -6.66 11.00
CA ASP A 719 -19.59 -6.05 10.81
CA ASP A 719 -19.60 -6.07 10.81
C ASP A 719 -19.88 -4.99 11.86
N GLN A 720 -19.58 -5.30 13.11
CA GLN A 720 -19.70 -4.34 14.18
C GLN A 720 -18.80 -3.14 13.96
N MET A 721 -17.55 -3.37 13.51
CA MET A 721 -16.70 -2.27 13.24
C MET A 721 -17.33 -1.38 12.17
N ASN A 722 -17.88 -1.98 11.11
CA ASN A 722 -18.56 -1.16 10.04
C ASN A 722 -19.78 -0.40 10.63
N MET A 723 -20.46 -0.92 11.67
CA MET A 723 -21.46 -0.12 12.30
C MET A 723 -20.88 1.13 13.02
N ARG A 724 -19.74 0.99 13.68
CA ARG A 724 -19.09 2.17 14.23
C ARG A 724 -18.67 3.15 13.10
N THR A 725 -18.14 2.64 11.99
CA THR A 725 -17.77 3.50 10.90
C THR A 725 -18.98 4.32 10.44
N LEU A 726 -20.15 3.68 10.33
CA LEU A 726 -21.34 4.36 9.84
C LEU A 726 -21.74 5.37 10.89
N ARG A 727 -21.73 5.03 12.17
CA ARG A 727 -22.07 6.03 13.18
C ARG A 727 -21.16 7.26 13.14
N ASN A 728 -19.87 7.01 12.99
CA ASN A 728 -18.88 8.07 12.97
C ASN A 728 -18.99 8.93 11.69
N THR A 729 -19.37 8.32 10.60
CA THR A 729 -19.67 9.04 9.32
C THR A 729 -20.89 9.98 9.52
N LEU A 730 -21.98 9.43 10.06
CA LEU A 730 -23.22 10.17 10.27
C LEU A 730 -22.94 11.34 11.26
N LEU A 731 -22.10 11.10 12.28
CA LEU A 731 -21.86 12.13 13.31
C LEU A 731 -21.08 13.29 12.72
N SER A 732 -20.18 12.99 11.76
CA SER A 732 -19.50 14.04 11.07
C SER A 732 -20.43 14.86 10.21
N LEU A 733 -21.34 14.20 9.49
CA LEU A 733 -22.31 14.94 8.64
C LEU A 733 -23.19 15.84 9.50
N LEU A 734 -23.65 15.31 10.64
CA LEU A 734 -24.58 16.09 11.51
C LEU A 734 -23.85 17.24 12.20
N SER A 735 -22.57 17.06 12.49
CA SER A 735 -21.76 18.08 13.12
C SER A 735 -21.46 19.23 12.18
N LYS A 736 -21.07 18.91 10.95
CA LYS A 736 -20.81 19.91 9.91
C LYS A 736 -22.12 20.68 9.65
N ALA A 737 -23.22 19.98 9.69
CA ALA A 737 -24.56 20.59 9.48
C ALA A 737 -25.02 21.49 10.66
N GLN A 738 -24.35 21.44 11.79
CA GLN A 738 -24.86 22.05 13.06
C GLN A 738 -26.26 21.61 13.44
N TYR A 739 -26.51 20.33 13.28
CA TYR A 739 -27.79 19.76 13.64
C TYR A 739 -28.11 20.08 15.09
N PRO A 740 -29.38 20.48 15.37
CA PRO A 740 -29.66 21.01 16.70
C PRO A 740 -29.27 20.07 17.82
N ASN A 741 -28.55 20.67 18.77
CA ASN A 741 -28.09 19.97 19.99
C ASN A 741 -27.18 18.78 19.75
N ILE A 742 -26.55 18.71 18.56
CA ILE A 742 -25.63 17.61 18.28
C ILE A 742 -24.37 17.63 19.19
N LEU A 743 -24.03 18.81 19.70
CA LEU A 743 -22.90 18.87 20.64
C LEU A 743 -23.13 17.93 21.84
N ASN A 744 -24.38 17.74 22.29
CA ASN A 744 -24.63 16.78 23.37
C ASN A 744 -24.18 15.37 23.03
N GLU A 745 -24.47 14.95 21.79
CA GLU A 745 -24.09 13.66 21.27
C GLU A 745 -22.56 13.61 21.14
N ILE A 746 -21.91 14.67 20.70
CA ILE A 746 -20.45 14.71 20.58
C ILE A 746 -19.77 14.47 21.96
N ILE A 747 -20.29 15.13 22.98
CA ILE A 747 -19.74 15.01 24.33
C ILE A 747 -19.93 13.61 24.90
N GLU A 748 -21.08 13.02 24.69
CA GLU A 748 -21.36 11.67 25.11
C GLU A 748 -20.45 10.68 24.38
N HIS A 749 -20.24 10.92 23.10
CA HIS A 749 -19.43 10.03 22.25
C HIS A 749 -17.99 10.02 22.74
N SER A 750 -17.47 11.15 23.23
CA SER A 750 -16.12 11.25 23.83
C SER A 750 -15.90 10.42 25.09
N LYS A 751 -16.97 9.89 25.72
CA LYS A 751 -16.86 9.01 26.87
C LYS A 751 -16.87 7.53 26.50
N SER A 752 -16.94 7.17 25.23
CA SER A 752 -17.02 5.79 24.80
C SER A 752 -15.75 5.12 25.06
N PRO A 753 -15.74 3.82 25.39
CA PRO A 753 -14.47 3.17 25.63
C PRO A 753 -13.75 2.85 24.28
N TYR A 754 -14.44 2.95 23.14
CA TYR A 754 -13.76 2.70 21.83
C TYR A 754 -12.95 3.94 21.35
N PRO A 755 -11.63 3.81 21.17
CA PRO A 755 -10.89 4.92 20.62
C PRO A 755 -11.38 5.45 19.28
N SER A 756 -11.89 4.59 18.41
CA SER A 756 -12.47 5.09 17.15
C SER A 756 -13.55 6.13 17.47
N ASN A 757 -14.33 5.88 18.50
CA ASN A 757 -15.38 6.87 18.89
C ASN A 757 -14.86 8.13 19.54
N TRP A 758 -14.01 8.00 20.57
CA TRP A 758 -13.50 9.23 21.24
C TRP A 758 -12.56 10.08 20.41
N LEU A 759 -11.85 9.49 19.44
CA LEU A 759 -11.09 10.30 18.53
C LEU A 759 -11.98 10.97 17.45
N THR A 760 -13.04 10.29 17.02
CA THR A 760 -14.04 10.91 16.16
C THR A 760 -14.61 12.15 16.89
N SER A 761 -14.86 12.04 18.21
CA SER A 761 -15.41 13.19 18.94
C SER A 761 -14.54 14.41 18.81
N LEU A 762 -13.24 14.21 18.83
CA LEU A 762 -12.34 15.34 18.63
C LEU A 762 -12.51 15.93 17.21
N SER A 763 -12.39 15.07 16.16
CA SER A 763 -12.57 15.56 14.75
C SER A 763 -13.89 16.35 14.55
N VAL A 764 -15.00 15.78 14.97
CA VAL A 764 -16.30 16.37 14.72
C VAL A 764 -16.52 17.60 15.59
N SER A 765 -15.81 17.73 16.70
CA SER A 765 -15.92 18.89 17.53
C SER A 765 -15.25 20.12 16.91
N ALA A 766 -14.49 19.96 15.82
CA ALA A 766 -13.92 21.07 15.12
C ALA A 766 -14.92 22.22 14.79
N TYR A 767 -16.20 21.84 14.61
CA TYR A 767 -17.21 22.76 14.18
C TYR A 767 -17.81 23.51 15.35
N PHE A 768 -17.27 23.34 16.56
CA PHE A 768 -17.80 23.91 17.83
C PHE A 768 -16.71 24.51 18.70
N ASP A 769 -17.14 25.39 19.63
CA ASP A 769 -16.29 26.02 20.64
C ASP A 769 -15.63 25.04 21.64
N LYS A 770 -16.12 23.82 21.70
CA LYS A 770 -15.63 22.76 22.54
C LYS A 770 -14.38 22.04 21.98
N TYR A 771 -13.99 22.36 20.76
CA TYR A 771 -12.83 21.65 20.19
C TYR A 771 -11.59 21.68 21.12
N PHE A 772 -11.19 22.82 21.68
CA PHE A 772 -9.97 22.80 22.45
C PHE A 772 -10.12 22.01 23.78
N GLU A 773 -11.32 21.94 24.34
CA GLU A 773 -11.52 21.05 25.49
C GLU A 773 -11.34 19.55 25.13
N LEU A 774 -11.93 19.15 24.01
CA LEU A 774 -11.77 17.79 23.49
C LEU A 774 -10.31 17.50 23.06
N TYR A 775 -9.62 18.50 22.52
CA TYR A 775 -8.20 18.37 22.18
C TYR A 775 -7.40 17.96 23.41
N ASP A 776 -7.61 18.68 24.53
CA ASP A 776 -6.95 18.35 25.77
C ASP A 776 -7.35 17.00 26.36
N LYS A 777 -8.67 16.70 26.36
CA LYS A 777 -9.15 15.51 26.93
C LYS A 777 -8.50 14.32 26.18
N THR A 778 -8.61 14.37 24.86
CA THR A 778 -8.13 13.25 24.09
C THR A 778 -6.63 13.17 24.08
N TYR A 779 -5.93 14.29 24.19
CA TYR A 779 -4.46 14.24 24.32
C TYR A 779 -4.07 13.42 25.54
N LYS A 780 -4.71 13.68 26.70
CA LYS A 780 -4.43 12.98 27.91
C LYS A 780 -4.73 11.49 27.82
N LEU A 781 -5.75 11.12 27.06
CA LEU A 781 -6.12 9.73 26.89
C LEU A 781 -5.09 9.03 25.98
N SER A 782 -4.37 9.79 25.16
CA SER A 782 -3.54 9.22 24.09
C SER A 782 -2.02 9.27 24.41
N LYS A 783 -1.58 10.14 25.32
CA LYS A 783 -0.17 10.50 25.37
C LYS A 783 0.78 9.41 25.88
N ASP A 784 0.23 8.38 26.57
CA ASP A 784 1.06 7.35 27.22
C ASP A 784 1.18 6.10 26.42
N ASP A 785 0.67 6.11 25.19
CA ASP A 785 0.81 4.95 24.27
C ASP A 785 1.40 5.57 22.96
N GLU A 786 2.58 5.13 22.53
CA GLU A 786 3.23 5.75 21.38
C GLU A 786 2.35 5.78 20.15
N LEU A 787 1.68 4.69 19.87
CA LEU A 787 0.90 4.59 18.65
C LEU A 787 -0.44 5.28 18.72
N LEU A 788 -1.11 5.24 19.90
CA LEU A 788 -2.35 6.05 20.13
C LEU A 788 -2.07 7.57 19.99
N LEU A 789 -0.90 8.03 20.47
CA LEU A 789 -0.52 9.44 20.35
C LEU A 789 -0.31 9.77 18.90
N GLN A 790 0.29 8.87 18.12
CA GLN A 790 0.36 9.12 16.68
C GLN A 790 -1.07 9.21 15.97
N GLU A 791 -2.01 8.39 16.44
CA GLU A 791 -3.39 8.48 15.92
C GLU A 791 -4.05 9.78 16.38
N TRP A 792 -3.75 10.26 17.59
CA TRP A 792 -4.19 11.60 18.01
C TRP A 792 -3.61 12.70 17.15
N LEU A 793 -2.33 12.58 16.85
CA LEU A 793 -1.72 13.55 15.94
C LEU A 793 -2.41 13.60 14.59
N LYS A 794 -2.77 12.44 14.04
CA LYS A 794 -3.42 12.40 12.73
C LYS A 794 -4.79 13.07 12.85
N THR A 795 -5.49 12.84 13.96
CA THR A 795 -6.86 13.35 14.20
C THR A 795 -6.86 14.87 14.24
N VAL A 796 -5.83 15.39 14.88
CA VAL A 796 -5.68 16.86 14.96
C VAL A 796 -5.37 17.41 13.57
N SER A 797 -4.42 16.74 12.91
CA SER A 797 -3.93 17.22 11.63
C SER A 797 -5.02 17.30 10.56
N ARG A 798 -5.94 16.34 10.58
CA ARG A 798 -7.03 16.27 9.62
C ARG A 798 -8.23 17.09 10.05
N SER A 799 -8.17 17.69 11.24
CA SER A 799 -9.32 18.48 11.72
C SER A 799 -9.67 19.68 10.85
N ASP A 800 -10.98 19.87 10.65
CA ASP A 800 -11.50 20.90 9.70
C ASP A 800 -11.61 22.18 10.51
N ARG A 801 -10.45 22.79 10.66
CA ARG A 801 -10.26 23.96 11.51
C ARG A 801 -9.80 25.10 10.63
N LYS A 802 -10.46 26.27 10.76
CA LYS A 802 -9.91 27.48 10.11
C LYS A 802 -8.52 27.90 10.62
N ASP A 803 -8.21 27.59 11.88
CA ASP A 803 -6.92 27.86 12.49
C ASP A 803 -5.91 26.70 12.42
N ILE A 804 -6.00 25.88 11.40
CA ILE A 804 -5.16 24.67 11.31
C ILE A 804 -3.69 25.01 11.25
N TYR A 805 -3.31 26.11 10.60
CA TYR A 805 -1.88 26.43 10.56
C TYR A 805 -1.34 26.73 11.96
N GLU A 806 -2.12 27.42 12.80
CA GLU A 806 -1.68 27.70 14.18
C GLU A 806 -1.68 26.44 15.03
N ILE A 807 -2.59 25.52 14.72
CA ILE A 807 -2.62 24.19 15.40
C ILE A 807 -1.38 23.34 15.00
N LEU A 808 -0.99 23.37 13.74
CA LEU A 808 0.17 22.66 13.31
C LEU A 808 1.42 23.17 14.04
N LYS A 809 1.55 24.52 14.16
CA LYS A 809 2.67 25.08 14.88
C LYS A 809 2.64 24.59 16.31
N LYS A 810 1.44 24.51 16.94
CA LYS A 810 1.35 24.03 18.31
C LYS A 810 1.82 22.52 18.38
N LEU A 811 1.45 21.70 17.37
CA LEU A 811 1.88 20.31 17.38
C LEU A 811 3.40 20.20 17.26
N GLU A 812 4.00 20.98 16.35
CA GLU A 812 5.44 21.02 16.16
C GLU A 812 6.12 21.39 17.46
N ASN A 813 5.65 22.45 18.11
CA ASN A 813 6.38 22.92 19.29
C ASN A 813 6.19 22.11 20.52
N GLU A 814 5.00 21.55 20.68
CA GLU A 814 4.64 20.84 21.92
C GLU A 814 4.71 19.31 21.90
N VAL A 815 4.60 18.69 20.70
CA VAL A 815 4.55 17.26 20.64
C VAL A 815 5.57 16.67 19.70
N LEU A 816 5.63 17.13 18.44
CA LEU A 816 6.62 16.57 17.49
C LEU A 816 8.04 16.92 17.81
N LYS A 817 8.25 18.19 18.00
CA LYS A 817 9.58 18.70 18.33
C LYS A 817 10.59 18.15 17.33
N ASP A 818 11.66 17.54 17.83
CA ASP A 818 12.80 17.22 16.94
C ASP A 818 12.76 15.73 16.52
N SER A 819 11.61 15.07 16.75
CA SER A 819 11.50 13.64 16.40
C SER A 819 11.97 13.36 14.98
N LYS A 820 12.72 12.26 14.84
CA LYS A 820 13.09 11.71 13.53
C LYS A 820 12.29 10.42 13.28
N ASN A 821 11.25 10.17 14.09
CA ASN A 821 10.41 8.97 13.95
C ASN A 821 9.49 9.19 12.72
N PRO A 822 9.64 8.39 11.63
CA PRO A 822 8.75 8.60 10.48
C PRO A 822 7.24 8.59 10.80
N ASN A 823 6.83 7.77 11.78
CA ASN A 823 5.43 7.76 12.10
C ASN A 823 4.98 9.08 12.72
N ASP A 824 5.84 9.71 13.48
CA ASP A 824 5.44 11.02 14.04
C ASP A 824 5.34 12.06 12.95
N ILE A 825 6.38 12.15 12.10
CA ILE A 825 6.40 13.13 11.02
C ILE A 825 5.22 12.94 10.03
N ARG A 826 4.93 11.69 9.61
CA ARG A 826 3.84 11.44 8.76
C ARG A 826 2.52 11.82 9.42
N ALA A 827 2.40 11.58 10.72
CA ALA A 827 1.13 11.81 11.42
C ALA A 827 0.76 13.28 11.49
N VAL A 828 1.77 14.12 11.70
CA VAL A 828 1.56 15.55 11.83
C VAL A 828 1.18 16.17 10.49
N TYR A 829 1.85 15.75 9.37
CA TYR A 829 1.77 16.49 8.11
C TYR A 829 0.83 15.89 7.05
N LEU A 830 0.80 14.56 6.86
CA LEU A 830 0.08 14.04 5.72
C LEU A 830 -1.43 14.32 5.80
N PRO A 831 -2.10 14.09 6.95
CA PRO A 831 -3.55 14.36 6.95
C PRO A 831 -3.92 15.82 6.55
N PHE A 832 -3.17 16.76 7.07
CA PHE A 832 -3.33 18.11 6.74
C PHE A 832 -3.20 18.36 5.26
N THR A 833 -2.31 17.66 4.57
CA THR A 833 -2.23 17.88 3.13
C THR A 833 -3.48 17.50 2.37
N ASN A 834 -4.38 16.71 2.94
CA ASN A 834 -5.62 16.39 2.30
C ASN A 834 -6.69 17.41 2.62
N ASN A 835 -6.36 18.50 3.35
CA ASN A 835 -7.34 19.56 3.66
C ASN A 835 -7.48 20.47 2.43
N LEU A 836 -8.54 20.24 1.65
CA LEU A 836 -8.61 20.85 0.30
C LEU A 836 -8.62 22.35 0.31
N ARG A 837 -9.35 22.93 1.26
CA ARG A 837 -9.33 24.34 1.42
C ARG A 837 -8.09 24.97 2.00
N ARG A 838 -7.50 24.35 3.01
CA ARG A 838 -6.39 24.98 3.76
CA ARG A 838 -6.40 25.03 3.68
C ARG A 838 -5.02 24.68 3.14
N PHE A 839 -4.78 23.40 2.73
CA PHE A 839 -3.49 23.07 2.14
C PHE A 839 -3.26 23.84 0.86
N HIS A 840 -4.34 23.99 0.07
CA HIS A 840 -4.23 24.68 -1.22
C HIS A 840 -4.52 26.17 -1.10
N ASP A 841 -4.25 26.77 0.06
CA ASP A 841 -4.43 28.21 0.27
C ASP A 841 -3.71 28.95 -0.85
N ILE A 842 -4.42 29.84 -1.52
CA ILE A 842 -3.90 30.49 -2.72
C ILE A 842 -2.61 31.31 -2.46
N SER A 843 -2.23 31.64 -1.21
CA SER A 843 -0.92 32.20 -0.90
C SER A 843 0.26 31.27 -1.15
N GLY A 844 -0.05 29.99 -1.15
CA GLY A 844 1.01 28.98 -1.34
C GLY A 844 1.64 28.54 -0.02
N LYS A 845 1.08 29.03 1.09
CA LYS A 845 1.72 28.81 2.40
C LYS A 845 1.72 27.33 2.79
N GLY A 846 0.75 26.57 2.29
CA GLY A 846 0.69 25.15 2.52
C GLY A 846 1.78 24.43 1.80
N TYR A 847 1.95 24.86 0.57
CA TYR A 847 3.00 24.24 -0.29
C TYR A 847 4.39 24.51 0.28
N LYS A 848 4.58 25.72 0.74
CA LYS A 848 5.85 26.13 1.38
C LYS A 848 6.09 25.34 2.65
N LEU A 849 5.11 25.17 3.51
CA LEU A 849 5.24 24.42 4.77
C LEU A 849 5.66 22.97 4.51
N ILE A 850 4.97 22.28 3.60
CA ILE A 850 5.34 20.93 3.35
C ILE A 850 6.71 20.79 2.67
N ALA A 851 7.02 21.70 1.74
CA ALA A 851 8.32 21.65 1.08
C ALA A 851 9.46 21.79 2.10
N GLU A 852 9.27 22.67 3.09
CA GLU A 852 10.34 22.84 4.11
C GLU A 852 10.50 21.56 4.94
N VAL A 853 9.41 20.84 5.19
CA VAL A 853 9.45 19.57 5.93
C VAL A 853 10.12 18.52 5.09
N ILE A 854 9.87 18.52 3.78
CA ILE A 854 10.50 17.56 2.88
C ILE A 854 12.02 17.77 2.90
N THR A 855 12.41 19.00 2.75
CA THR A 855 13.83 19.32 2.67
C THR A 855 14.54 19.01 3.99
N LYS A 856 13.92 19.36 5.10
CA LYS A 856 14.43 19.04 6.42
C LYS A 856 14.59 17.54 6.58
N THR A 857 13.57 16.80 6.19
CA THR A 857 13.57 15.38 6.41
C THR A 857 14.63 14.65 5.47
N ASP A 858 14.84 15.23 4.30
CA ASP A 858 15.73 14.64 3.30
C ASP A 858 17.19 14.61 3.81
N LYS A 859 17.51 15.48 4.74
CA LYS A 859 18.87 15.46 5.29
C LYS A 859 19.15 14.27 6.15
N PHE A 860 18.14 13.55 6.58
CA PHE A 860 18.44 12.34 7.34
C PHE A 860 17.67 11.10 6.88
N ASN A 861 16.54 11.25 6.17
CA ASN A 861 15.75 10.08 5.69
C ASN A 861 15.15 10.37 4.31
N PRO A 862 15.91 10.12 3.22
CA PRO A 862 15.46 10.39 1.89
C PRO A 862 14.18 9.65 1.49
N MET A 863 13.98 8.44 2.00
CA MET A 863 12.76 7.71 1.66
C MET A 863 11.53 8.39 2.20
N VAL A 864 11.59 8.79 3.45
CA VAL A 864 10.49 9.49 4.03
C VAL A 864 10.21 10.87 3.40
N ALA A 865 11.27 11.64 3.08
CA ALA A 865 11.12 12.86 2.36
C ALA A 865 10.36 12.65 1.06
N THR A 866 10.70 11.59 0.30
CA THR A 866 9.94 11.30 -0.95
C THR A 866 8.47 10.95 -0.72
N GLN A 867 8.19 10.24 0.38
CA GLN A 867 6.80 10.04 0.81
C GLN A 867 6.04 11.31 1.03
N LEU A 868 6.69 12.26 1.65
CA LEU A 868 6.10 13.52 2.00
C LEU A 868 5.82 14.44 0.75
N CYS A 869 6.35 14.05 -0.42
CA CYS A 869 6.16 14.77 -1.67
C CYS A 869 4.80 14.45 -2.24
N GLU A 870 4.10 13.42 -1.68
CA GLU A 870 2.81 12.99 -2.24
C GLU A 870 1.84 14.09 -2.72
N PRO A 871 1.57 15.12 -1.95
CA PRO A 871 0.63 16.15 -2.40
C PRO A 871 0.99 16.83 -3.72
N PHE A 872 2.28 16.86 -4.05
CA PHE A 872 2.71 17.56 -5.24
C PHE A 872 2.46 16.77 -6.49
N LYS A 873 2.08 15.48 -6.38
CA LYS A 873 1.96 14.63 -7.59
C LYS A 873 0.90 15.14 -8.53
N LEU A 874 -0.07 15.85 -8.01
CA LEU A 874 -1.16 16.38 -8.86
C LEU A 874 -0.94 17.79 -9.38
N TRP A 875 0.31 18.30 -9.31
CA TRP A 875 0.54 19.70 -9.55
C TRP A 875 0.04 20.16 -10.91
N ASN A 876 0.25 19.36 -11.94
CA ASN A 876 -0.09 19.77 -13.27
C ASN A 876 -1.58 19.62 -13.62
N LYS A 877 -2.38 19.27 -12.60
CA LYS A 877 -3.81 19.14 -12.73
C LYS A 877 -4.48 20.37 -12.19
N LEU A 878 -3.76 21.27 -11.51
CA LEU A 878 -4.37 22.38 -10.81
C LEU A 878 -4.52 23.60 -11.73
N ASP A 879 -5.25 24.61 -11.26
CA ASP A 879 -5.34 25.87 -11.96
C ASP A 879 -3.96 26.47 -12.09
N THR A 880 -3.74 27.33 -13.08
CA THR A 880 -2.39 27.78 -13.36
C THR A 880 -1.66 28.60 -12.24
N LYS A 881 -2.35 29.27 -11.33
CA LYS A 881 -1.69 29.94 -10.22
C LYS A 881 -1.14 28.92 -9.17
N ARG A 882 -1.98 27.96 -8.84
CA ARG A 882 -1.50 26.89 -7.96
C ARG A 882 -0.42 26.02 -8.61
N GLN A 883 -0.52 25.73 -9.90
CA GLN A 883 0.55 25.05 -10.64
C GLN A 883 1.87 25.78 -10.47
N GLU A 884 1.85 27.09 -10.68
CA GLU A 884 3.04 27.94 -10.53
C GLU A 884 3.65 27.91 -9.10
N LEU A 885 2.78 27.96 -8.13
CA LEU A 885 3.23 27.91 -6.71
C LEU A 885 3.88 26.55 -6.38
N MET A 886 3.24 25.45 -6.78
CA MET A 886 3.81 24.14 -6.51
C MET A 886 5.11 23.99 -7.24
N LEU A 887 5.11 24.42 -8.49
CA LEU A 887 6.32 24.26 -9.28
C LEU A 887 7.49 25.05 -8.64
N ASN A 888 7.20 26.24 -8.14
CA ASN A 888 8.20 27.04 -7.49
CA ASN A 888 8.22 27.04 -7.50
C ASN A 888 8.82 26.29 -6.29
N GLU A 889 7.97 25.67 -5.46
CA GLU A 889 8.49 24.95 -4.32
C GLU A 889 9.27 23.71 -4.72
N MET A 890 8.83 22.96 -5.76
CA MET A 890 9.54 21.80 -6.26
C MET A 890 10.93 22.19 -6.79
N ASN A 891 11.00 23.28 -7.51
CA ASN A 891 12.31 23.73 -8.04
C ASN A 891 13.21 24.25 -6.90
N THR A 892 12.65 24.91 -5.87
CA THR A 892 13.41 25.25 -4.70
C THR A 892 13.99 24.04 -3.99
N MET A 893 13.19 22.98 -3.82
CA MET A 893 13.68 21.76 -3.22
C MET A 893 14.82 21.15 -4.01
N LEU A 894 14.73 21.25 -5.33
CA LEU A 894 15.70 20.71 -6.23
C LEU A 894 17.02 21.44 -6.17
N GLN A 895 16.97 22.66 -5.72
CA GLN A 895 18.19 23.54 -5.55
C GLN A 895 18.91 23.29 -4.26
N GLU A 896 18.35 22.46 -3.40
CA GLU A 896 18.95 22.28 -2.12
C GLU A 896 20.30 21.60 -2.24
N PRO A 897 21.33 22.18 -1.59
CA PRO A 897 22.53 21.42 -1.70
C PRO A 897 22.48 20.03 -0.98
N ASN A 898 23.18 19.06 -1.57
CA ASN A 898 23.29 17.68 -1.07
C ASN A 898 21.94 16.97 -1.06
N ILE A 899 21.04 17.43 -1.90
CA ILE A 899 19.75 16.67 -2.09
C ILE A 899 20.05 15.25 -2.39
N SER A 900 19.26 14.33 -1.77
CA SER A 900 19.43 12.95 -2.03
C SER A 900 19.17 12.55 -3.45
N ASN A 901 19.77 11.41 -3.86
CA ASN A 901 19.47 10.91 -5.17
C ASN A 901 18.02 10.52 -5.30
N ASN A 902 17.44 9.96 -4.23
CA ASN A 902 16.00 9.57 -4.20
C ASN A 902 15.10 10.77 -4.48
N LEU A 903 15.26 11.83 -3.71
CA LEU A 903 14.41 12.96 -3.89
C LEU A 903 14.61 13.72 -5.22
N LYS A 904 15.88 13.91 -5.59
CA LYS A 904 16.18 14.55 -6.86
C LYS A 904 15.60 13.81 -8.06
N GLU A 905 15.75 12.49 -8.11
CA GLU A 905 15.11 11.72 -9.16
C GLU A 905 13.56 11.90 -9.21
N TYR A 906 12.96 11.77 -8.03
CA TYR A 906 11.52 11.92 -7.91
C TYR A 906 11.02 13.24 -8.45
N LEU A 907 11.67 14.31 -8.00
CA LEU A 907 11.22 15.63 -8.39
C LEU A 907 11.55 15.98 -9.82
N LEU A 908 12.69 15.48 -10.34
CA LEU A 908 12.99 15.68 -11.78
C LEU A 908 11.97 14.98 -12.68
N ARG A 909 11.57 13.79 -12.31
CA ARG A 909 10.52 13.06 -13.08
C ARG A 909 9.20 13.77 -12.99
N LEU A 910 8.85 14.19 -11.76
CA LEU A 910 7.58 14.82 -11.53
C LEU A 910 7.44 16.15 -12.27
N THR A 911 8.58 16.86 -12.52
CA THR A 911 8.50 18.19 -13.14
C THR A 911 8.93 18.12 -14.64
N ASN A 912 8.85 16.93 -15.23
CA ASN A 912 9.05 16.71 -16.68
C ASN A 912 10.45 16.95 -17.13
N LYS A 913 11.44 16.77 -16.25
CA LYS A 913 12.85 17.00 -16.64
C LYS A 913 13.60 15.66 -16.82
N LEU A 914 13.01 14.55 -16.43
CA LEU A 914 13.65 13.22 -16.51
C LEU A 914 12.70 12.10 -16.90
ZN ZN B . 5.49 -6.81 -0.02
MG MG C . 29.45 4.45 7.64
MG MG D . -2.92 -3.68 1.79
MG MG E . 8.98 8.08 20.14
C1 E8F F . 12.52 0.20 -0.24
C2 E8F F . 11.01 0.08 -0.02
CD1 E8F F . 10.28 -1.02 0.37
CG1 E8F F . 8.90 -0.98 0.45
CB E8F F . 8.18 0.13 0.14
CA E8F F . 6.67 0.22 0.15
N E8F F . 5.97 0.12 1.46
C7 E8F F . 5.47 -1.01 2.09
O E8F F . 5.04 -0.93 3.25
N2 E8F F . 5.56 -2.23 1.44
C8 E8F F . 4.96 -3.33 2.18
C9 E8F F . 3.48 -3.20 1.89
C10 E8F F . 2.83 -4.32 2.66
C11 E8F F . 1.34 -4.26 2.69
C12 E8F F . 3.11 -4.03 4.08
C13 E8F F . 5.48 -4.64 1.61
O2 E8F F . 5.56 -4.79 0.41
N3 E8F F . 5.90 -5.55 2.56
O3 E8F F . 6.43 -6.79 2.13
CG2 E8F F . 8.93 1.23 -0.26
C15 E8F F . 10.31 1.17 -0.34
C16 E8F F . 11.26 2.21 -0.83
C1 E8R G . 4.55 5.04 4.62
C2 E8R G . 4.16 3.69 4.19
CD1 E8R G . 4.13 3.28 2.88
CG1 E8R G . 3.71 1.97 2.70
CB E8R G . 3.34 1.12 3.71
CA E8R G . 2.99 -0.25 3.32
N E8R G . 4.05 -0.76 2.32
C7 E8R G . 5.07 -1.65 2.66
O E8R G . 5.17 -2.08 3.80
N2 E8R G . 5.97 -2.03 1.68
C8 E8R G . 6.90 -3.06 2.01
C9 E8R G . 8.11 -2.67 1.14
C10 E8R G . 9.35 -3.14 1.78
C11 E8R G . 10.56 -3.28 0.86
C12 E8R G . 8.83 -4.20 2.66
C13 E8R G . 6.59 -4.41 1.38
O2 E8R G . 6.20 -4.70 0.26
N3 E8R G . 6.74 -5.47 2.22
O3 E8R G . 6.44 -6.73 1.65
CG2 E8R G . 3.41 1.57 4.99
C15 E8R G . 3.83 2.87 5.20
C16 E8R G . 3.98 3.53 6.52
C1 GOL H . -16.42 -10.41 11.32
O1 GOL H . -17.84 -10.24 10.98
C2 GOL H . -15.40 -11.55 11.34
O2 GOL H . -15.70 -12.42 12.47
C3 GOL H . -15.23 -12.31 10.09
O3 GOL H . -16.32 -13.17 9.73
C1 GOL I . -19.72 17.42 5.78
O1 GOL I . -20.88 17.23 5.00
C2 GOL I . -18.93 16.21 6.25
O2 GOL I . -17.94 16.72 7.19
C3 GOL I . -18.27 15.67 5.02
O3 GOL I . -17.47 16.67 4.43
C1 GOL J . 3.94 0.37 -1.07
O1 GOL J . 4.86 0.78 -2.06
C2 GOL J . 2.58 0.43 -1.70
O2 GOL J . 2.69 1.40 -2.69
C3 GOL J . 1.49 0.74 -0.72
O3 GOL J . 0.83 -0.51 -0.58
C1 GOL K . 0.71 -3.30 3.60
O1 GOL K . 1.08 -2.17 4.40
C2 GOL K . 2.04 -3.80 3.12
O2 GOL K . 2.51 -5.01 3.72
C3 GOL K . 1.93 -3.88 1.63
O3 GOL K . 1.99 -2.53 1.21
#